data_8QEF
#
_entry.id   8QEF
#
_cell.length_a   74.215
_cell.length_b   59.163
_cell.length_c   87.163
_cell.angle_alpha   90.00
_cell.angle_beta   101.44
_cell.angle_gamma   90.00
#
_symmetry.space_group_name_H-M   'P 1 21 1'
#
loop_
_entity.id
_entity.type
_entity.pdbx_description
1 polymer 'Putative acetyl xylan esterase'
2 non-polymer 1,2-ETHANEDIOL
3 non-polymer 'beta-D-galactopyranuronic acid'
4 water water
#
_entity_poly.entity_id   1
_entity_poly.type   'polypeptide(L)'
_entity_poly.pdbx_seq_one_letter_code
;MGSSHHHHHHSSENLYFQGHSKSPRKDYAKLANYDESKVPQYTLPSVLMCHDGEMVQTKEQWEQKRRPEILNLFTTYMFG
KAPVLKHKLPCTVSRINEKALNGRATRKEITIQLTDDPQGPHIDLQLYLPNHVSGKIPVFLGISFMPNYTIYDDPDLSVP
EITDEKMKKRSFRGSMDKSWQLDKILEHGYGLATFCYNDVDPDFDDDFQNGVHPYYYEKGQNFPDPDQWGSIAAWAWGMS
RAMDYLETDKKVDAKKVAVIGHSRLGKTAVWAGASDPRFALVISGNSGCCGVAISRRCFGETVEAMNVRFPHWFCGNYKQ
FNDREKYLPFDQHELVALIAPRPIYIASAEEDNWSDQKGEFLGGKGAEPVYALYGLGGIGCEEMPPVDTPYMNGPIAYHN
RKGPHAVLPYDWEQFLRFADKYFKNK
;
_entity_poly.pdbx_strand_id   A,B
#
loop_
_chem_comp.id
_chem_comp.type
_chem_comp.name
_chem_comp.formula
EDO non-polymer 1,2-ETHANEDIOL 'C2 H6 O2'
GTR D-saccharide, beta linking 'beta-D-galactopyranuronic acid' 'C6 H10 O7'
#
# COMPACT_ATOMS: atom_id res chain seq x y z
N ARG A 25 -5.74 22.35 -1.16
CA ARG A 25 -4.59 22.44 -2.11
C ARG A 25 -3.39 23.12 -1.39
N LYS A 26 -2.95 22.58 -0.25
CA LYS A 26 -2.00 23.22 0.72
C LYS A 26 -0.65 23.53 0.07
N ASP A 27 -0.02 24.66 0.43
CA ASP A 27 1.41 24.96 0.14
C ASP A 27 2.30 24.42 1.27
N TYR A 28 2.90 23.25 1.03
CA TYR A 28 3.70 22.48 2.01
C TYR A 28 5.02 23.21 2.32
N ALA A 29 5.44 24.11 1.44
CA ALA A 29 6.72 24.87 1.57
C ALA A 29 6.73 25.74 2.83
N LYS A 30 5.57 26.28 3.25
CA LYS A 30 5.44 27.19 4.44
C LYS A 30 5.39 26.36 5.71
N LEU A 31 4.77 25.18 5.63
CA LEU A 31 4.46 24.30 6.78
C LEU A 31 5.69 23.49 7.21
N ALA A 32 6.73 23.46 6.38
CA ALA A 32 7.87 22.53 6.49
C ALA A 32 8.83 23.01 7.59
N ASN A 33 9.42 22.08 8.35
CA ASN A 33 10.53 22.41 9.27
C ASN A 33 11.82 22.52 8.47
N TYR A 34 12.62 23.54 8.76
CA TYR A 34 13.98 23.72 8.23
C TYR A 34 14.94 24.00 9.39
N ASP A 35 14.47 23.77 10.62
CA ASP A 35 15.22 24.02 11.89
C ASP A 35 15.86 22.71 12.36
N GLU A 36 17.18 22.61 12.26
CA GLU A 36 17.95 21.37 12.57
C GLU A 36 17.72 20.91 14.00
N SER A 37 17.43 21.84 14.91
CA SER A 37 17.20 21.56 16.35
C SER A 37 15.73 21.13 16.56
N LYS A 38 14.90 21.07 15.53
CA LYS A 38 13.50 20.61 15.72
C LYS A 38 13.27 19.32 14.94
N VAL A 39 14.31 18.76 14.32
CA VAL A 39 14.24 17.40 13.71
C VAL A 39 13.87 16.42 14.82
N PRO A 40 12.86 15.52 14.64
CA PRO A 40 12.48 14.56 15.67
C PRO A 40 13.56 13.49 15.84
N GLN A 41 13.69 12.91 17.04
CA GLN A 41 14.53 11.71 17.26
C GLN A 41 13.96 10.57 16.42
N TYR A 42 14.82 9.70 15.90
CA TYR A 42 14.44 8.53 15.07
C TYR A 42 15.54 7.48 15.11
N THR A 43 15.16 6.22 14.91
CA THR A 43 16.07 5.10 14.61
C THR A 43 15.94 4.80 13.13
N LEU A 44 17.05 4.66 12.40
CA LEU A 44 17.06 4.09 11.03
C LEU A 44 16.80 2.60 11.12
N PRO A 45 15.95 2.02 10.25
CA PRO A 45 15.94 0.56 10.06
C PRO A 45 17.37 0.09 9.79
N SER A 46 17.80 -1.03 10.38
CA SER A 46 19.15 -1.61 10.19
C SER A 46 19.29 -2.20 8.78
N VAL A 47 20.21 -1.66 7.99
CA VAL A 47 20.47 -2.15 6.60
C VAL A 47 20.94 -3.60 6.66
N LEU A 48 21.79 -3.89 7.65
CA LEU A 48 22.49 -5.18 7.79
C LEU A 48 21.55 -6.28 8.35
N MET A 49 20.44 -5.95 9.00
CA MET A 49 19.57 -6.95 9.69
C MET A 49 18.44 -7.43 8.76
N CYS A 50 18.47 -8.70 8.35
CA CYS A 50 17.41 -9.34 7.54
C CYS A 50 16.10 -9.41 8.35
N HIS A 51 14.97 -9.57 7.65
CA HIS A 51 13.60 -9.55 8.23
C HIS A 51 13.47 -10.63 9.32
N ASP A 52 14.17 -11.78 9.17
CA ASP A 52 14.14 -12.93 10.12
C ASP A 52 15.16 -12.75 11.26
N GLY A 53 15.86 -11.61 11.33
CA GLY A 53 16.75 -11.27 12.47
C GLY A 53 18.19 -11.48 12.12
N GLU A 54 18.50 -12.39 11.22
CA GLU A 54 19.89 -12.67 10.78
C GLU A 54 20.57 -11.36 10.37
N MET A 55 21.75 -11.08 10.93
CA MET A 55 22.62 -9.95 10.57
C MET A 55 23.51 -10.38 9.40
N VAL A 56 23.96 -9.40 8.62
CA VAL A 56 24.89 -9.60 7.47
C VAL A 56 26.27 -9.16 7.98
N GLN A 57 27.29 -9.98 7.80
CA GLN A 57 28.69 -9.55 8.05
C GLN A 57 29.57 -10.12 6.94
N THR A 58 28.96 -10.43 5.79
CA THR A 58 29.63 -10.96 4.58
C THR A 58 28.92 -10.41 3.35
N LYS A 59 29.68 -10.02 2.33
CA LYS A 59 29.11 -9.61 1.03
C LYS A 59 28.21 -10.73 0.52
N GLU A 60 28.49 -11.98 0.86
CA GLU A 60 27.73 -13.14 0.31
C GLU A 60 26.33 -13.14 0.91
N GLN A 61 26.19 -12.96 2.22
CA GLN A 61 24.84 -12.82 2.86
C GLN A 61 24.09 -11.62 2.26
N TRP A 62 24.81 -10.51 2.04
CA TRP A 62 24.27 -9.29 1.38
C TRP A 62 23.70 -9.67 0.02
N GLU A 63 24.56 -10.18 -0.85
CA GLU A 63 24.21 -10.43 -2.25
C GLU A 63 23.10 -11.50 -2.31
N GLN A 64 23.13 -12.49 -1.41
CA GLN A 64 22.27 -13.71 -1.49
C GLN A 64 20.95 -13.51 -0.75
N LYS A 65 20.96 -12.85 0.41
CA LYS A 65 19.74 -12.76 1.24
C LYS A 65 19.25 -11.32 1.34
N ARG A 66 20.09 -10.39 1.79
CA ARG A 66 19.60 -9.08 2.31
C ARG A 66 19.27 -8.10 1.17
N ARG A 67 20.20 -7.90 0.23
CA ARG A 67 19.99 -6.98 -0.93
C ARG A 67 18.68 -7.31 -1.65
N PRO A 68 18.37 -8.59 -1.99
CA PRO A 68 17.07 -8.97 -2.57
C PRO A 68 15.85 -8.58 -1.74
N GLU A 69 15.89 -8.72 -0.40
CA GLU A 69 14.82 -8.29 0.54
C GLU A 69 14.58 -6.78 0.37
N ILE A 70 15.65 -5.99 0.46
CA ILE A 70 15.58 -4.51 0.40
C ILE A 70 15.10 -4.12 -1.00
N LEU A 71 15.64 -4.76 -2.03
CA LEU A 71 15.25 -4.44 -3.43
C LEU A 71 13.77 -4.70 -3.54
N ASN A 72 13.27 -5.78 -2.94
CA ASN A 72 11.83 -6.13 -3.01
C ASN A 72 11.00 -5.08 -2.25
N LEU A 73 11.40 -4.69 -1.04
CA LEU A 73 10.70 -3.65 -0.28
C LEU A 73 10.57 -2.37 -1.13
N PHE A 74 11.64 -1.90 -1.76
CA PHE A 74 11.60 -0.61 -2.53
C PHE A 74 10.72 -0.76 -3.78
N THR A 75 10.73 -1.92 -4.42
CA THR A 75 9.92 -2.20 -5.63
C THR A 75 8.44 -2.28 -5.25
N THR A 76 8.09 -3.01 -4.19
CA THR A 76 6.70 -3.21 -3.73
C THR A 76 6.12 -1.91 -3.17
N TYR A 77 6.85 -1.23 -2.29
CA TYR A 77 6.29 -0.20 -1.38
C TYR A 77 6.59 1.23 -1.85
N MET A 78 7.51 1.48 -2.78
CA MET A 78 7.92 2.87 -3.15
C MET A 78 7.84 3.13 -4.67
N PHE A 79 8.63 2.45 -5.47
CA PHE A 79 8.77 2.79 -6.90
C PHE A 79 7.72 2.04 -7.70
N GLY A 80 7.51 0.78 -7.34
CA GLY A 80 6.57 -0.11 -8.05
C GLY A 80 7.27 -0.90 -9.13
N LYS A 81 6.73 -2.08 -9.44
CA LYS A 81 7.24 -3.03 -10.44
C LYS A 81 6.94 -2.48 -11.84
N ALA A 82 7.95 -2.45 -12.69
CA ALA A 82 7.87 -2.10 -14.13
C ALA A 82 7.76 -3.40 -14.92
N PRO A 83 7.33 -3.37 -16.19
CA PRO A 83 7.20 -4.58 -16.99
C PRO A 83 8.60 -5.20 -17.15
N VAL A 84 8.69 -6.51 -17.15
CA VAL A 84 9.98 -7.17 -17.50
C VAL A 84 9.75 -7.77 -18.88
N LEU A 85 10.66 -7.49 -19.80
CA LEU A 85 10.53 -7.89 -21.21
CA LEU A 85 10.57 -7.88 -21.23
C LEU A 85 11.29 -9.21 -21.41
N LYS A 86 10.81 -10.02 -22.36
CA LYS A 86 11.47 -11.29 -22.77
C LYS A 86 12.56 -10.96 -23.79
N HIS A 87 12.36 -9.92 -24.61
CA HIS A 87 13.36 -9.41 -25.59
C HIS A 87 13.51 -7.89 -25.51
N LYS A 88 14.68 -7.40 -25.90
CA LYS A 88 14.97 -5.97 -26.12
C LYS A 88 13.91 -5.41 -27.06
N LEU A 89 13.53 -4.15 -26.84
CA LEU A 89 12.49 -3.44 -27.61
C LEU A 89 13.08 -3.10 -28.95
N PRO A 90 12.24 -2.88 -30.01
CA PRO A 90 12.74 -2.48 -31.31
C PRO A 90 13.27 -1.04 -31.21
N CYS A 91 14.39 -0.78 -31.87
CA CYS A 91 14.97 0.57 -31.95
C CYS A 91 15.62 0.77 -33.32
N THR A 92 15.72 2.02 -33.75
CA THR A 92 16.32 2.44 -35.03
C THR A 92 17.33 3.55 -34.74
N VAL A 93 18.41 3.54 -35.49
CA VAL A 93 19.34 4.70 -35.65
C VAL A 93 18.79 5.54 -36.81
N SER A 94 17.96 6.54 -36.52
CA SER A 94 17.22 7.29 -37.55
C SER A 94 18.07 8.44 -38.11
N ARG A 95 19.12 8.90 -37.42
CA ARG A 95 20.12 9.86 -38.00
C ARG A 95 21.49 9.68 -37.32
N ILE A 96 22.56 9.76 -38.12
CA ILE A 96 24.00 9.73 -37.71
C ILE A 96 24.69 10.93 -38.34
N ASN A 97 25.44 11.71 -37.57
CA ASN A 97 26.35 12.77 -38.09
C ASN A 97 27.73 12.52 -37.50
N GLU A 98 28.66 11.98 -38.30
CA GLU A 98 30.03 11.63 -37.87
C GLU A 98 30.92 12.88 -37.70
N LYS A 99 30.46 14.07 -38.11
CA LYS A 99 31.24 15.34 -38.01
C LYS A 99 30.37 16.42 -37.33
N ALA A 100 29.84 16.14 -36.14
CA ALA A 100 28.66 16.83 -35.56
C ALA A 100 29.06 18.19 -34.96
N LEU A 101 30.25 18.36 -34.39
CA LEU A 101 30.57 19.66 -33.73
C LEU A 101 31.87 20.20 -34.32
N ASN A 102 31.82 20.57 -35.60
CA ASN A 102 33.01 20.89 -36.41
C ASN A 102 33.97 19.70 -36.27
N GLY A 103 33.40 18.48 -36.32
CA GLY A 103 34.12 17.19 -36.36
C GLY A 103 34.57 16.70 -34.99
N ARG A 104 34.26 17.42 -33.93
CA ARG A 104 34.67 17.02 -32.55
C ARG A 104 33.91 15.77 -32.12
N ALA A 105 32.77 15.48 -32.73
CA ALA A 105 31.80 14.50 -32.18
C ALA A 105 31.04 13.79 -33.27
N THR A 106 30.65 12.54 -33.00
CA THR A 106 29.58 11.81 -33.67
C THR A 106 28.31 12.00 -32.84
N ARG A 107 27.24 12.49 -33.47
CA ARG A 107 25.89 12.54 -32.86
C ARG A 107 25.07 11.43 -33.53
N LYS A 108 24.47 10.52 -32.78
CA LYS A 108 23.42 9.62 -33.29
C LYS A 108 22.11 9.97 -32.61
N GLU A 109 21.00 9.71 -33.31
CA GLU A 109 19.62 9.80 -32.80
C GLU A 109 19.02 8.40 -32.94
N ILE A 110 18.64 7.80 -31.82
CA ILE A 110 18.06 6.43 -31.76
C ILE A 110 16.63 6.56 -31.28
N THR A 111 15.72 5.99 -32.04
CA THR A 111 14.29 5.84 -31.68
C THR A 111 14.07 4.45 -31.12
N ILE A 112 13.59 4.39 -29.89
CA ILE A 112 13.34 3.14 -29.15
C ILE A 112 11.85 3.03 -28.94
N GLN A 113 11.25 2.05 -29.55
CA GLN A 113 9.79 1.83 -29.50
C GLN A 113 9.48 1.13 -28.17
N LEU A 114 8.78 1.82 -27.27
CA LEU A 114 8.52 1.37 -25.87
C LEU A 114 7.39 0.35 -25.79
N THR A 115 6.53 0.25 -26.81
CA THR A 115 5.31 -0.57 -26.76
C THR A 115 5.27 -1.41 -28.04
N ASP A 116 4.24 -2.26 -28.19
CA ASP A 116 3.94 -3.02 -29.42
C ASP A 116 3.41 -2.08 -30.49
N ASP A 117 3.00 -0.86 -30.10
CA ASP A 117 2.43 0.14 -31.01
C ASP A 117 3.55 0.95 -31.67
N PRO A 118 3.77 0.84 -32.98
CA PRO A 118 4.75 1.71 -33.65
C PRO A 118 4.41 3.21 -33.63
N GLN A 119 3.12 3.54 -33.47
CA GLN A 119 2.62 4.94 -33.38
CA GLN A 119 2.60 4.95 -33.37
C GLN A 119 2.47 5.33 -31.90
N GLY A 120 2.83 4.43 -30.99
CA GLY A 120 2.86 4.71 -29.55
C GLY A 120 4.13 5.45 -29.13
N PRO A 121 4.38 5.59 -27.82
CA PRO A 121 5.52 6.37 -27.32
C PRO A 121 6.88 5.73 -27.64
N HIS A 122 7.85 6.57 -27.94
CA HIS A 122 9.26 6.22 -28.30
C HIS A 122 10.20 7.01 -27.42
N ILE A 123 11.33 6.42 -27.07
CA ILE A 123 12.46 7.28 -26.64
C ILE A 123 13.14 7.76 -27.93
N ASP A 124 13.38 9.07 -27.97
CA ASP A 124 14.26 9.76 -28.93
C ASP A 124 15.57 9.96 -28.18
N LEU A 125 16.45 8.96 -28.20
CA LEU A 125 17.76 9.06 -27.53
C LEU A 125 18.72 9.81 -28.43
N GLN A 126 19.46 10.77 -27.87
CA GLN A 126 20.51 11.54 -28.59
C GLN A 126 21.86 11.24 -27.95
N LEU A 127 22.75 10.65 -28.72
CA LEU A 127 24.06 10.19 -28.23
C LEU A 127 25.16 11.01 -28.89
N TYR A 128 25.98 11.68 -28.08
CA TYR A 128 27.21 12.38 -28.49
C TYR A 128 28.41 11.53 -28.08
N LEU A 129 29.25 11.14 -29.03
CA LEU A 129 30.53 10.44 -28.77
C LEU A 129 31.65 11.32 -29.31
N PRO A 130 32.79 11.46 -28.58
CA PRO A 130 33.93 12.24 -29.07
C PRO A 130 34.62 11.48 -30.21
N ASN A 131 35.02 12.21 -31.25
CA ASN A 131 35.90 11.72 -32.34
C ASN A 131 37.36 11.69 -31.84
N HIS A 132 38.26 11.08 -32.59
CA HIS A 132 39.72 11.05 -32.31
C HIS A 132 40.03 10.27 -31.00
N VAL A 133 39.14 9.38 -30.56
CA VAL A 133 39.30 8.50 -29.36
C VAL A 133 39.20 7.04 -29.82
N SER A 134 40.14 6.19 -29.40
CA SER A 134 40.40 4.86 -30.04
C SER A 134 39.56 3.75 -29.40
N GLY A 135 39.39 3.76 -28.08
CA GLY A 135 38.80 2.60 -27.40
C GLY A 135 37.30 2.48 -27.66
N LYS A 136 36.63 1.66 -26.85
CA LYS A 136 35.21 1.86 -26.49
C LYS A 136 35.16 3.05 -25.53
N ILE A 137 34.06 3.76 -25.47
CA ILE A 137 33.98 5.10 -24.83
C ILE A 137 32.98 5.06 -23.68
N PRO A 138 33.40 5.44 -22.46
CA PRO A 138 32.47 5.54 -21.34
C PRO A 138 31.44 6.62 -21.71
N VAL A 139 30.22 6.48 -21.22
CA VAL A 139 29.08 7.38 -21.56
C VAL A 139 28.37 7.75 -20.26
N PHE A 140 28.00 9.02 -20.12
CA PHE A 140 26.93 9.49 -19.23
C PHE A 140 25.56 9.27 -19.92
N LEU A 141 24.71 8.47 -19.30
CA LEU A 141 23.30 8.34 -19.67
C LEU A 141 22.55 9.28 -18.74
N GLY A 142 22.06 10.39 -19.29
CA GLY A 142 21.28 11.37 -18.54
C GLY A 142 19.86 11.40 -19.03
N ILE A 143 18.95 11.88 -18.18
CA ILE A 143 17.51 12.08 -18.48
C ILE A 143 17.17 13.55 -18.21
N SER A 144 16.52 14.20 -19.17
CA SER A 144 16.36 15.68 -19.23
C SER A 144 14.89 16.03 -19.08
N PHE A 145 14.66 17.24 -18.56
CA PHE A 145 13.31 17.83 -18.40
C PHE A 145 12.79 18.23 -19.77
N MET A 146 13.71 18.55 -20.69
CA MET A 146 13.33 19.19 -21.97
C MET A 146 13.91 18.40 -23.15
N PRO A 147 13.40 18.66 -24.37
CA PRO A 147 13.89 17.94 -25.55
C PRO A 147 15.41 18.09 -25.75
N ASN A 148 15.92 17.30 -26.67
CA ASN A 148 17.36 17.03 -26.86
C ASN A 148 18.03 18.28 -27.43
N TYR A 149 17.28 19.15 -28.13
CA TYR A 149 17.87 20.37 -28.74
C TYR A 149 18.37 21.30 -27.63
N THR A 150 17.88 21.14 -26.40
CA THR A 150 18.16 22.04 -25.25
C THR A 150 19.50 21.68 -24.60
N ILE A 151 20.09 20.52 -24.93
CA ILE A 151 21.32 20.00 -24.26
C ILE A 151 22.55 20.81 -24.68
N TYR A 152 22.69 21.04 -25.97
CA TYR A 152 23.83 21.79 -26.54
C TYR A 152 23.34 22.71 -27.64
N ASP A 153 23.86 23.93 -27.66
CA ASP A 153 23.69 24.87 -28.79
C ASP A 153 24.37 24.28 -30.04
N ASP A 154 23.72 23.30 -30.68
CA ASP A 154 24.28 22.49 -31.79
C ASP A 154 23.65 22.99 -33.08
N PRO A 155 24.44 23.61 -33.98
CA PRO A 155 23.92 24.29 -35.17
C PRO A 155 23.31 23.41 -36.28
N ASP A 156 23.28 22.09 -36.11
CA ASP A 156 22.59 21.14 -37.01
C ASP A 156 21.32 20.61 -36.33
N LEU A 157 20.66 21.43 -35.50
CA LEU A 157 19.36 21.12 -34.86
C LEU A 157 18.45 22.36 -34.94
N SER A 158 17.13 22.14 -34.77
CA SER A 158 16.05 23.14 -34.98
C SER A 158 15.09 23.15 -33.78
N VAL A 159 14.07 24.02 -33.83
CA VAL A 159 13.17 24.36 -32.68
C VAL A 159 11.82 24.84 -33.25
N SER A 171 11.91 25.33 -24.74
CA SER A 171 12.84 26.48 -24.59
C SER A 171 13.55 26.71 -25.94
N PHE A 172 14.86 26.92 -25.94
CA PHE A 172 15.68 27.21 -27.16
C PHE A 172 16.96 26.35 -27.16
N ARG A 173 17.64 26.32 -28.31
CA ARG A 173 18.82 25.44 -28.55
C ARG A 173 19.90 25.71 -27.50
N GLY A 174 20.29 24.65 -26.79
CA GLY A 174 21.37 24.69 -25.80
C GLY A 174 20.98 25.45 -24.56
N SER A 175 19.69 25.72 -24.35
CA SER A 175 19.21 26.49 -23.17
C SER A 175 19.62 25.79 -21.88
N MET A 176 19.93 24.49 -21.91
CA MET A 176 20.26 23.67 -20.70
C MET A 176 21.74 23.28 -20.69
N ASP A 177 22.55 23.83 -21.60
CA ASP A 177 24.01 23.56 -21.65
C ASP A 177 24.61 23.60 -20.25
N LYS A 178 24.32 24.62 -19.44
CA LYS A 178 24.91 24.75 -18.08
C LYS A 178 24.85 23.41 -17.32
N SER A 179 23.75 22.66 -17.51
CA SER A 179 23.35 21.47 -16.72
C SER A 179 23.85 20.18 -17.37
N TRP A 180 24.48 20.25 -18.56
CA TRP A 180 24.98 19.07 -19.30
C TRP A 180 26.47 19.21 -19.59
N GLN A 181 26.99 20.42 -19.75
CA GLN A 181 28.45 20.64 -19.88
C GLN A 181 29.04 19.59 -20.82
N LEU A 182 28.46 19.43 -22.02
CA LEU A 182 28.91 18.45 -23.04
C LEU A 182 30.39 18.67 -23.45
N ASP A 183 30.85 19.92 -23.56
CA ASP A 183 32.26 20.25 -23.88
C ASP A 183 33.18 19.60 -22.85
N LYS A 184 32.85 19.71 -21.56
CA LYS A 184 33.66 19.11 -20.48
C LYS A 184 33.66 17.58 -20.63
N ILE A 185 32.49 16.99 -20.83
CA ILE A 185 32.31 15.51 -21.02
C ILE A 185 33.16 15.04 -22.21
N LEU A 186 33.07 15.71 -23.34
CA LEU A 186 33.93 15.41 -24.52
C LEU A 186 35.40 15.62 -24.16
N GLU A 187 35.74 16.68 -23.43
CA GLU A 187 37.18 16.95 -23.11
C GLU A 187 37.77 15.72 -22.39
N HIS A 188 37.01 15.02 -21.55
CA HIS A 188 37.50 13.84 -20.79
C HIS A 188 37.50 12.56 -21.65
N GLY A 189 37.08 12.59 -22.91
CA GLY A 189 37.02 11.38 -23.77
C GLY A 189 35.84 10.47 -23.39
N TYR A 190 34.77 11.04 -22.84
CA TYR A 190 33.50 10.34 -22.53
C TYR A 190 32.44 10.84 -23.49
N GLY A 191 31.34 10.12 -23.60
CA GLY A 191 30.16 10.54 -24.38
C GLY A 191 29.01 10.86 -23.46
N LEU A 192 27.95 11.43 -24.02
CA LEU A 192 26.69 11.77 -23.31
C LEU A 192 25.52 11.34 -24.17
N ALA A 193 24.65 10.50 -23.60
CA ALA A 193 23.36 10.09 -24.18
C ALA A 193 22.25 10.64 -23.29
N THR A 194 21.27 11.36 -23.82
CA THR A 194 20.10 11.84 -23.06
C THR A 194 18.86 11.60 -23.89
N PHE A 195 17.72 11.56 -23.20
CA PHE A 195 16.37 11.66 -23.76
C PHE A 195 15.49 12.41 -22.76
N CYS A 196 14.40 12.96 -23.27
CA CYS A 196 13.41 13.71 -22.47
C CYS A 196 12.48 12.71 -21.78
N TYR A 197 12.27 12.87 -20.49
CA TYR A 197 11.47 11.92 -19.68
C TYR A 197 10.00 11.87 -20.14
N ASN A 198 9.51 12.97 -20.68
CA ASN A 198 8.15 13.12 -21.28
CA ASN A 198 8.12 13.04 -21.19
C ASN A 198 7.94 12.04 -22.34
N ASP A 199 9.02 11.61 -23.00
CA ASP A 199 9.00 10.54 -24.02
C ASP A 199 8.37 9.26 -23.44
N VAL A 200 8.58 9.01 -22.15
CA VAL A 200 8.15 7.75 -21.49
C VAL A 200 6.77 7.96 -20.87
N ASP A 201 6.66 8.99 -20.04
CA ASP A 201 5.43 9.32 -19.29
C ASP A 201 5.39 10.82 -19.07
N PRO A 202 4.39 11.55 -19.60
CA PRO A 202 4.21 12.95 -19.26
C PRO A 202 4.13 13.15 -17.73
N ASP A 203 4.80 14.19 -17.28
CA ASP A 203 4.94 14.49 -15.83
C ASP A 203 3.74 15.32 -15.42
N PHE A 204 2.56 14.71 -15.37
CA PHE A 204 1.35 15.41 -14.87
C PHE A 204 0.28 14.35 -14.59
N ASP A 205 -0.45 14.57 -13.50
CA ASP A 205 -1.34 13.57 -12.88
C ASP A 205 -2.61 13.37 -13.73
N ASP A 206 -2.51 12.53 -14.76
CA ASP A 206 -3.59 12.15 -15.71
C ASP A 206 -4.01 10.69 -15.43
N ASP A 207 -3.82 10.19 -14.21
CA ASP A 207 -4.24 8.83 -13.77
C ASP A 207 -3.79 7.76 -14.76
N PHE A 208 -2.68 8.00 -15.46
CA PHE A 208 -1.91 7.00 -16.26
C PHE A 208 -2.75 6.46 -17.41
N GLN A 209 -3.48 7.36 -18.09
CA GLN A 209 -4.18 7.06 -19.36
C GLN A 209 -3.25 7.41 -20.54
N ASN A 210 -2.18 8.18 -20.28
CA ASN A 210 -1.14 8.54 -21.29
C ASN A 210 0.20 7.93 -20.86
N GLY A 211 1.23 8.09 -21.71
CA GLY A 211 2.54 7.42 -21.59
C GLY A 211 2.43 5.93 -21.83
N VAL A 212 3.34 5.15 -21.22
CA VAL A 212 3.51 3.68 -21.46
C VAL A 212 2.56 2.84 -20.59
N HIS A 213 2.16 3.32 -19.42
CA HIS A 213 1.36 2.55 -18.41
C HIS A 213 0.22 1.80 -19.09
N PRO A 214 -0.74 2.50 -19.72
CA PRO A 214 -1.91 1.86 -20.32
C PRO A 214 -1.53 0.72 -21.28
N TYR A 215 -0.44 0.85 -22.03
CA TYR A 215 0.04 -0.18 -22.98
C TYR A 215 0.43 -1.46 -22.25
N TYR A 216 0.65 -1.42 -20.93
CA TYR A 216 1.04 -2.62 -20.16
C TYR A 216 -0.07 -3.02 -19.19
N TYR A 217 -1.24 -2.37 -19.19
CA TYR A 217 -2.38 -2.85 -18.36
C TYR A 217 -2.90 -4.21 -18.86
N GLU A 218 -3.49 -5.00 -17.97
CA GLU A 218 -4.26 -6.21 -18.37
C GLU A 218 -5.62 -5.76 -18.88
N LYS A 219 -6.34 -6.66 -19.54
CA LYS A 219 -7.64 -6.37 -20.19
C LYS A 219 -8.66 -5.90 -19.15
N GLY A 220 -8.54 -6.34 -17.90
CA GLY A 220 -9.48 -5.91 -16.85
C GLY A 220 -8.85 -4.95 -15.85
N GLN A 221 -7.98 -4.05 -16.32
CA GLN A 221 -7.22 -3.10 -15.46
C GLN A 221 -7.16 -1.75 -16.18
N ASN A 222 -7.68 -0.68 -15.57
CA ASN A 222 -7.67 0.68 -16.16
C ASN A 222 -6.65 1.56 -15.40
N PHE A 223 -5.83 0.97 -14.53
CA PHE A 223 -4.99 1.71 -13.57
C PHE A 223 -3.92 0.79 -13.00
N PRO A 224 -2.71 1.30 -12.67
CA PRO A 224 -1.71 0.47 -12.02
C PRO A 224 -2.25 -0.09 -10.71
N ASP A 225 -1.91 -1.36 -10.42
CA ASP A 225 -2.13 -1.96 -9.09
C ASP A 225 -1.30 -1.16 -8.10
N PRO A 226 -1.60 -1.26 -6.79
CA PRO A 226 -0.88 -0.46 -5.80
C PRO A 226 0.63 -0.74 -5.76
N ASP A 227 1.05 -1.94 -6.14
CA ASP A 227 2.49 -2.34 -6.12
C ASP A 227 3.16 -2.14 -7.50
N GLN A 228 2.46 -1.57 -8.50
CA GLN A 228 3.02 -1.37 -9.86
C GLN A 228 3.55 0.03 -10.05
N TRP A 229 4.36 0.22 -11.08
CA TRP A 229 5.15 1.45 -11.36
C TRP A 229 4.27 2.70 -11.43
N GLY A 230 4.69 3.75 -10.75
CA GLY A 230 4.32 5.14 -11.07
C GLY A 230 5.29 5.71 -12.09
N SER A 231 5.40 7.04 -12.12
CA SER A 231 6.13 7.78 -13.18
C SER A 231 7.65 7.63 -13.05
N ILE A 232 8.16 7.74 -11.82
CA ILE A 232 9.63 7.72 -11.55
C ILE A 232 10.15 6.35 -11.98
N ALA A 233 9.41 5.28 -11.72
CA ALA A 233 9.80 3.89 -12.08
C ALA A 233 9.77 3.75 -13.61
N ALA A 234 8.74 4.26 -14.25
CA ALA A 234 8.63 4.32 -15.72
C ALA A 234 9.86 5.06 -16.31
N TRP A 235 10.24 6.21 -15.78
CA TRP A 235 11.39 6.98 -16.29
C TRP A 235 12.65 6.14 -16.12
N ALA A 236 12.76 5.45 -14.98
CA ALA A 236 13.93 4.63 -14.64
C ALA A 236 14.01 3.48 -15.65
N TRP A 237 12.94 2.70 -15.78
CA TRP A 237 12.77 1.68 -16.85
C TRP A 237 13.17 2.23 -18.25
N GLY A 238 12.67 3.42 -18.58
CA GLY A 238 13.17 4.24 -19.71
C GLY A 238 14.68 4.17 -19.86
N MET A 239 15.43 4.51 -18.82
CA MET A 239 16.93 4.54 -18.83
C MET A 239 17.47 3.14 -19.10
N SER A 240 16.81 2.08 -18.61
CA SER A 240 17.22 0.68 -18.85
C SER A 240 17.00 0.29 -20.32
N ARG A 241 15.96 0.82 -20.97
CA ARG A 241 15.70 0.59 -22.41
C ARG A 241 16.77 1.35 -23.21
N ALA A 242 17.20 2.53 -22.76
CA ALA A 242 18.31 3.29 -23.35
C ALA A 242 19.63 2.51 -23.23
N MET A 243 19.91 1.95 -22.04
CA MET A 243 21.11 1.11 -21.76
C MET A 243 21.08 -0.13 -22.66
N ASP A 244 19.92 -0.76 -22.84
CA ASP A 244 19.74 -1.87 -23.80
C ASP A 244 20.27 -1.45 -25.18
N TYR A 245 19.96 -0.25 -25.68
CA TYR A 245 20.54 0.15 -26.98
C TYR A 245 22.06 0.27 -26.82
N LEU A 246 22.51 0.99 -25.79
CA LEU A 246 23.92 1.42 -25.64
C LEU A 246 24.86 0.23 -25.70
N GLU A 247 24.51 -0.86 -25.02
CA GLU A 247 25.43 -2.01 -24.93
C GLU A 247 25.59 -2.65 -26.33
N THR A 248 24.74 -2.34 -27.30
CA THR A 248 24.82 -2.88 -28.69
C THR A 248 25.57 -1.92 -29.61
N ASP A 249 25.88 -0.72 -29.13
CA ASP A 249 26.66 0.30 -29.88
C ASP A 249 28.16 -0.02 -29.78
N LYS A 250 28.81 -0.31 -30.90
CA LYS A 250 30.22 -0.82 -30.92
C LYS A 250 31.16 0.17 -30.22
N LYS A 251 30.89 1.48 -30.30
CA LYS A 251 31.79 2.53 -29.77
C LYS A 251 31.59 2.74 -28.27
N VAL A 252 30.48 2.31 -27.69
CA VAL A 252 30.25 2.60 -26.25
CA VAL A 252 30.13 2.52 -26.25
C VAL A 252 30.79 1.43 -25.42
N ASP A 253 31.44 1.79 -24.31
CA ASP A 253 31.87 0.82 -23.27
C ASP A 253 30.67 0.53 -22.35
N ALA A 254 30.00 -0.61 -22.57
CA ALA A 254 28.80 -1.08 -21.83
C ALA A 254 29.12 -1.25 -20.33
N LYS A 255 30.40 -1.47 -20.00
CA LYS A 255 30.88 -1.68 -18.60
C LYS A 255 31.13 -0.34 -17.91
N LYS A 256 31.03 0.78 -18.63
CA LYS A 256 31.36 2.12 -18.10
C LYS A 256 30.28 3.11 -18.47
N VAL A 257 29.04 2.83 -18.09
CA VAL A 257 27.89 3.76 -18.29
C VAL A 257 27.50 4.30 -16.92
N ALA A 258 27.58 5.63 -16.76
CA ALA A 258 27.11 6.40 -15.59
C ALA A 258 25.67 6.86 -15.82
N VAL A 259 24.78 6.65 -14.86
CA VAL A 259 23.42 7.27 -14.92
C VAL A 259 23.49 8.58 -14.14
N ILE A 260 22.81 9.60 -14.64
CA ILE A 260 22.73 10.93 -13.98
C ILE A 260 21.37 11.58 -14.21
N GLY A 261 20.83 12.26 -13.18
CA GLY A 261 19.64 13.14 -13.32
C GLY A 261 19.51 14.11 -12.15
N HIS A 262 18.84 15.26 -12.35
CA HIS A 262 18.63 16.30 -11.32
C HIS A 262 17.19 16.27 -10.75
N SER A 263 17.05 16.51 -9.45
CA SER A 263 15.74 16.68 -8.76
CA SER A 263 15.76 16.66 -8.73
C SER A 263 14.90 15.40 -8.94
N ARG A 264 13.72 15.49 -9.54
CA ARG A 264 12.84 14.30 -9.64
C ARG A 264 13.53 13.28 -10.55
N LEU A 265 14.40 13.73 -11.43
CA LEU A 265 15.18 12.84 -12.31
C LEU A 265 16.45 12.39 -11.59
N GLY A 266 16.89 13.09 -10.53
CA GLY A 266 17.85 12.53 -9.56
C GLY A 266 17.27 11.28 -8.93
N LYS A 267 16.08 11.41 -8.33
CA LYS A 267 15.34 10.28 -7.71
C LYS A 267 15.39 9.10 -8.69
N THR A 268 14.99 9.36 -9.95
CA THR A 268 14.92 8.38 -11.07
C THR A 268 16.29 7.73 -11.29
N ALA A 269 17.35 8.51 -11.47
CA ALA A 269 18.70 8.00 -11.77
C ALA A 269 19.16 7.07 -10.65
N VAL A 270 18.89 7.42 -9.40
CA VAL A 270 19.33 6.59 -8.25
C VAL A 270 18.56 5.27 -8.29
N TRP A 271 17.30 5.27 -8.73
CA TRP A 271 16.48 4.04 -8.84
C TRP A 271 16.93 3.20 -10.03
N ALA A 272 17.24 3.84 -11.13
CA ALA A 272 17.80 3.21 -12.34
C ALA A 272 19.09 2.49 -11.93
N GLY A 273 19.93 3.14 -11.12
CA GLY A 273 21.17 2.53 -10.59
C GLY A 273 20.91 1.37 -9.64
N ALA A 274 20.02 1.57 -8.67
CA ALA A 274 19.61 0.52 -7.70
C ALA A 274 19.07 -0.70 -8.45
N SER A 275 18.10 -0.50 -9.34
CA SER A 275 17.25 -1.58 -9.90
C SER A 275 17.90 -2.18 -11.15
N ASP A 276 18.92 -1.50 -11.72
CA ASP A 276 19.68 -2.01 -12.89
C ASP A 276 21.18 -1.97 -12.63
N PRO A 277 21.78 -3.09 -12.17
CA PRO A 277 23.20 -3.12 -11.82
C PRO A 277 24.21 -3.02 -12.97
N ARG A 278 23.74 -2.91 -14.21
CA ARG A 278 24.62 -2.72 -15.38
C ARG A 278 25.24 -1.33 -15.35
N PHE A 279 24.61 -0.35 -14.70
CA PHE A 279 25.18 1.02 -14.59
C PHE A 279 26.40 0.94 -13.68
N ALA A 280 27.50 1.52 -14.14
CA ALA A 280 28.82 1.47 -13.48
C ALA A 280 28.87 2.51 -12.36
N LEU A 281 28.11 3.60 -12.48
CA LEU A 281 28.27 4.78 -11.60
C LEU A 281 26.98 5.60 -11.63
N VAL A 282 26.60 6.18 -10.51
CA VAL A 282 25.26 6.78 -10.29
C VAL A 282 25.51 8.19 -9.82
N ILE A 283 24.89 9.18 -10.44
CA ILE A 283 24.99 10.60 -10.01
C ILE A 283 23.59 11.13 -9.63
N SER A 284 23.44 11.45 -8.35
CA SER A 284 22.24 12.02 -7.70
C SER A 284 22.42 13.54 -7.59
N GLY A 285 21.81 14.30 -8.49
CA GLY A 285 21.81 15.77 -8.45
C GLY A 285 20.66 16.31 -7.63
N ASN A 286 20.89 16.66 -6.38
CA ASN A 286 19.86 17.11 -5.40
C ASN A 286 18.59 16.23 -5.54
N SER A 287 18.76 14.90 -5.51
CA SER A 287 17.62 13.93 -5.54
C SER A 287 16.67 14.24 -4.36
N GLY A 288 17.23 14.53 -3.19
CA GLY A 288 16.52 14.99 -1.99
C GLY A 288 15.51 13.98 -1.47
N CYS A 289 14.31 14.45 -1.13
CA CYS A 289 13.21 13.68 -0.50
C CYS A 289 12.81 12.50 -1.38
N CYS A 290 12.75 11.29 -0.82
CA CYS A 290 12.45 10.05 -1.56
C CYS A 290 13.52 9.83 -2.62
N GLY A 291 14.64 10.53 -2.50
CA GLY A 291 15.86 10.31 -3.30
C GLY A 291 16.90 9.66 -2.42
N VAL A 292 17.88 10.43 -1.95
CA VAL A 292 18.90 9.93 -0.97
C VAL A 292 18.71 10.60 0.38
N ALA A 293 17.79 11.55 0.53
CA ALA A 293 17.53 12.18 1.85
C ALA A 293 16.82 11.19 2.79
N ILE A 294 17.17 11.23 4.07
CA ILE A 294 16.51 10.35 5.07
C ILE A 294 15.16 10.96 5.44
N SER A 295 14.09 10.21 5.16
CA SER A 295 12.67 10.60 5.38
C SER A 295 12.41 10.91 6.85
N ARG A 296 13.00 10.13 7.73
CA ARG A 296 12.66 10.19 9.18
C ARG A 296 13.06 11.56 9.75
N ARG A 297 13.91 12.35 9.07
CA ARG A 297 14.26 13.72 9.55
C ARG A 297 13.07 14.68 9.38
N CYS A 298 12.11 14.37 8.51
CA CYS A 298 10.93 15.25 8.25
C CYS A 298 11.38 16.71 8.07
N PHE A 299 12.50 16.90 7.38
CA PHE A 299 13.14 18.20 7.10
C PHE A 299 12.78 18.58 5.66
N GLY A 300 12.32 19.83 5.47
CA GLY A 300 11.90 20.36 4.18
C GLY A 300 10.82 19.47 3.60
N GLU A 301 11.03 18.97 2.40
CA GLU A 301 10.02 18.11 1.74
C GLU A 301 9.91 16.80 2.54
N THR A 302 8.66 16.41 2.80
CA THR A 302 8.21 15.16 3.46
C THR A 302 7.49 14.26 2.46
N VAL A 303 7.18 13.04 2.87
CA VAL A 303 6.52 12.03 2.01
C VAL A 303 5.13 12.54 1.64
N GLU A 304 4.39 13.11 2.59
CA GLU A 304 3.03 13.64 2.30
C GLU A 304 3.12 14.80 1.30
N ALA A 305 3.93 15.81 1.55
CA ALA A 305 4.19 16.90 0.58
C ALA A 305 4.34 16.26 -0.80
N MET A 306 5.20 15.26 -0.90
CA MET A 306 5.57 14.54 -2.14
C MET A 306 4.36 13.86 -2.80
N ASN A 307 3.70 12.96 -2.08
N ASN A 307 3.69 12.96 -2.07
CA ASN A 307 2.60 12.13 -2.64
CA ASN A 307 2.60 12.11 -2.62
C ASN A 307 1.39 13.01 -2.98
C ASN A 307 1.37 12.97 -2.94
N VAL A 308 1.13 14.05 -2.18
CA VAL A 308 -0.04 14.95 -2.41
C VAL A 308 0.20 15.78 -3.69
N ARG A 309 1.36 16.41 -3.83
CA ARG A 309 1.70 17.25 -5.00
C ARG A 309 1.90 16.36 -6.23
N PHE A 310 2.51 15.20 -6.10
CA PHE A 310 2.90 14.37 -7.27
C PHE A 310 2.38 12.97 -7.06
N PRO A 311 1.06 12.77 -7.14
CA PRO A 311 0.47 11.47 -6.88
C PRO A 311 0.93 10.42 -7.91
N HIS A 312 1.47 10.87 -9.03
CA HIS A 312 1.77 9.99 -10.19
C HIS A 312 3.19 9.45 -10.03
N TRP A 313 4.03 10.05 -9.19
CA TRP A 313 5.49 9.79 -9.13
C TRP A 313 5.75 8.37 -8.62
N PHE A 314 5.22 8.03 -7.45
CA PHE A 314 5.47 6.74 -6.76
C PHE A 314 4.25 5.83 -6.92
N CYS A 315 4.41 4.56 -6.55
CA CYS A 315 3.31 3.57 -6.62
C CYS A 315 2.24 3.94 -5.58
N GLY A 316 1.06 3.32 -5.65
CA GLY A 316 -0.03 3.50 -4.68
C GLY A 316 0.43 3.13 -3.29
N ASN A 317 1.03 1.95 -3.16
CA ASN A 317 1.52 1.44 -1.85
C ASN A 317 2.15 2.59 -1.06
N TYR A 318 2.95 3.44 -1.69
CA TYR A 318 3.81 4.43 -1.00
C TYR A 318 2.96 5.52 -0.31
N LYS A 319 1.73 5.79 -0.77
CA LYS A 319 0.85 6.83 -0.16
C LYS A 319 0.47 6.46 1.29
N GLN A 320 0.65 5.21 1.69
CA GLN A 320 0.37 4.79 3.10
C GLN A 320 1.31 5.48 4.08
N PHE A 321 2.43 6.03 3.60
CA PHE A 321 3.53 6.53 4.47
C PHE A 321 3.44 8.04 4.64
N ASN A 322 2.46 8.68 3.99
CA ASN A 322 2.11 10.11 4.22
C ASN A 322 2.07 10.34 5.73
N ASP A 323 2.92 11.24 6.24
CA ASP A 323 3.13 11.60 7.67
C ASP A 323 3.19 10.35 8.57
N ARG A 324 3.70 9.22 8.07
CA ARG A 324 3.92 7.97 8.83
C ARG A 324 5.33 7.46 8.49
N GLU A 325 6.32 8.36 8.51
CA GLU A 325 7.74 8.11 8.16
C GLU A 325 8.29 7.03 9.09
N LYS A 326 7.91 7.08 10.36
CA LYS A 326 8.38 6.11 11.37
C LYS A 326 7.96 4.69 10.93
N TYR A 327 6.90 4.52 10.15
CA TYR A 327 6.37 3.18 9.79
C TYR A 327 6.94 2.70 8.46
N LEU A 328 7.82 3.49 7.83
CA LEU A 328 8.53 3.06 6.60
C LEU A 328 9.27 1.76 6.89
N PRO A 329 9.14 0.71 6.06
CA PRO A 329 9.90 -0.51 6.27
C PRO A 329 11.41 -0.33 5.97
N PHE A 330 11.80 0.86 5.57
CA PHE A 330 13.16 1.19 5.08
C PHE A 330 13.37 2.70 5.24
N ASP A 331 14.59 3.15 4.98
CA ASP A 331 14.89 4.56 4.67
C ASP A 331 15.90 4.60 3.52
N GLN A 332 16.19 5.80 3.01
CA GLN A 332 16.83 6.04 1.70
C GLN A 332 18.31 5.70 1.77
N HIS A 333 18.87 5.46 2.96
CA HIS A 333 20.26 4.94 3.13
C HIS A 333 20.32 3.52 2.55
N GLU A 334 19.21 2.80 2.59
CA GLU A 334 19.10 1.42 2.07
C GLU A 334 19.01 1.45 0.55
N LEU A 335 18.45 2.51 0.00
CA LEU A 335 18.42 2.71 -1.47
C LEU A 335 19.85 2.92 -1.95
N VAL A 336 20.61 3.83 -1.33
CA VAL A 336 22.06 4.08 -1.65
C VAL A 336 22.85 2.77 -1.51
N ALA A 337 22.47 1.93 -0.53
CA ALA A 337 23.08 0.62 -0.25
C ALA A 337 22.92 -0.34 -1.43
N LEU A 338 21.87 -0.21 -2.24
CA LEU A 338 21.66 -1.06 -3.45
C LEU A 338 22.67 -0.70 -4.55
N ILE A 339 23.46 0.37 -4.43
CA ILE A 339 24.46 0.77 -5.47
C ILE A 339 25.76 0.02 -5.18
N ALA A 340 26.00 -0.30 -3.91
CA ALA A 340 27.22 -1.00 -3.46
C ALA A 340 27.42 -2.27 -4.29
N PRO A 341 28.65 -2.59 -4.74
CA PRO A 341 29.87 -1.84 -4.44
C PRO A 341 30.12 -0.62 -5.34
N ARG A 342 29.23 -0.41 -6.32
CA ARG A 342 29.42 0.58 -7.41
C ARG A 342 29.41 2.00 -6.84
N PRO A 343 30.17 2.95 -7.45
CA PRO A 343 30.28 4.29 -6.89
C PRO A 343 29.04 5.15 -7.13
N ILE A 344 28.79 6.09 -6.24
CA ILE A 344 27.68 7.09 -6.36
C ILE A 344 28.20 8.44 -5.88
N TYR A 345 27.84 9.49 -6.60
CA TYR A 345 28.07 10.90 -6.22
C TYR A 345 26.74 11.54 -5.82
N ILE A 346 26.65 11.94 -4.56
CA ILE A 346 25.50 12.69 -4.00
C ILE A 346 25.89 14.16 -3.98
N ALA A 347 25.22 14.99 -4.77
CA ALA A 347 25.47 16.45 -4.80
C ALA A 347 24.32 17.17 -4.12
N SER A 348 24.64 18.14 -3.28
CA SER A 348 23.66 19.07 -2.66
C SER A 348 23.94 20.50 -3.10
N ALA A 349 22.95 21.36 -2.90
CA ALA A 349 23.03 22.82 -3.14
C ALA A 349 22.68 23.54 -1.84
N GLU A 350 23.50 24.51 -1.45
CA GLU A 350 23.47 25.20 -0.13
C GLU A 350 22.08 25.81 0.09
N GLU A 351 21.42 26.31 -0.95
CA GLU A 351 20.10 27.01 -0.86
C GLU A 351 18.90 26.04 -0.97
N ASP A 352 19.13 24.72 -1.11
CA ASP A 352 18.07 23.73 -1.45
C ASP A 352 17.62 23.01 -0.16
N ASN A 353 17.12 23.76 0.82
CA ASN A 353 16.83 23.21 2.16
C ASN A 353 15.65 22.23 2.00
N TRP A 354 14.76 22.52 1.06
CA TRP A 354 13.63 21.66 0.63
C TRP A 354 14.11 20.21 0.46
N SER A 355 15.26 20.02 -0.19
N SER A 355 15.26 20.00 -0.19
CA SER A 355 15.88 18.70 -0.52
CA SER A 355 15.84 18.66 -0.50
C SER A 355 16.55 18.07 0.71
C SER A 355 16.55 18.06 0.72
N ASP A 356 16.83 18.86 1.75
CA ASP A 356 17.45 18.40 3.03
C ASP A 356 18.86 17.90 2.75
N GLN A 357 19.83 18.82 2.68
CA GLN A 357 21.23 18.57 2.30
C GLN A 357 21.91 17.67 3.36
N LYS A 358 21.65 17.88 4.63
CA LYS A 358 22.22 16.99 5.68
C LYS A 358 21.65 15.56 5.52
N GLY A 359 20.34 15.43 5.32
CA GLY A 359 19.69 14.13 5.10
C GLY A 359 20.19 13.47 3.82
N GLU A 360 20.54 14.26 2.80
CA GLU A 360 21.19 13.68 1.60
C GLU A 360 22.51 13.07 2.06
N PHE A 361 23.27 13.82 2.87
CA PHE A 361 24.60 13.39 3.37
C PHE A 361 24.43 12.12 4.19
N LEU A 362 23.45 12.10 5.08
CA LEU A 362 23.22 10.98 6.02
C LEU A 362 22.71 9.75 5.28
N GLY A 363 21.98 9.90 4.18
CA GLY A 363 21.62 8.75 3.35
C GLY A 363 22.86 8.07 2.81
N GLY A 364 23.87 8.83 2.41
CA GLY A 364 25.17 8.26 2.02
C GLY A 364 25.84 7.61 3.22
N LYS A 365 25.95 8.33 4.33
CA LYS A 365 26.58 7.82 5.56
C LYS A 365 26.02 6.43 5.89
N GLY A 366 24.69 6.29 5.87
CA GLY A 366 23.96 5.07 6.23
C GLY A 366 24.30 3.89 5.35
N ALA A 367 24.70 4.11 4.10
CA ALA A 367 25.07 3.01 3.17
C ALA A 367 26.49 2.48 3.47
N GLU A 368 27.28 3.20 4.27
CA GLU A 368 28.74 2.93 4.45
C GLU A 368 28.94 1.50 4.91
N PRO A 369 28.13 1.00 5.88
CA PRO A 369 28.31 -0.36 6.40
C PRO A 369 28.31 -1.43 5.31
N VAL A 370 27.50 -1.24 4.26
CA VAL A 370 27.38 -2.24 3.14
C VAL A 370 28.62 -2.14 2.27
N TYR A 371 29.13 -0.94 2.02
CA TYR A 371 30.36 -0.76 1.20
C TYR A 371 31.55 -1.40 1.92
N ALA A 372 31.61 -1.33 3.26
CA ALA A 372 32.63 -2.00 4.11
C ALA A 372 32.68 -3.52 3.86
N LEU A 373 31.52 -4.20 3.69
CA LEU A 373 31.49 -5.63 3.30
C LEU A 373 32.40 -5.88 2.10
N TYR A 374 32.62 -4.87 1.28
CA TYR A 374 33.41 -4.98 0.02
C TYR A 374 34.80 -4.41 0.24
N GLY A 375 35.11 -4.09 1.50
CA GLY A 375 36.40 -3.49 1.88
C GLY A 375 36.61 -2.14 1.22
N LEU A 376 35.54 -1.39 1.02
CA LEU A 376 35.60 0.01 0.52
C LEU A 376 35.36 0.96 1.71
N GLY A 377 36.04 2.12 1.71
CA GLY A 377 35.89 3.15 2.74
C GLY A 377 34.55 3.86 2.61
N GLY A 378 34.37 4.90 3.42
CA GLY A 378 33.13 5.70 3.45
C GLY A 378 33.23 6.94 2.57
N ILE A 379 32.60 8.02 3.01
CA ILE A 379 32.67 9.35 2.33
C ILE A 379 34.06 9.94 2.60
N GLY A 380 34.51 9.82 3.85
CA GLY A 380 35.80 10.36 4.32
C GLY A 380 35.68 11.43 5.40
N CYS A 381 34.46 11.70 5.88
CA CYS A 381 34.19 12.63 7.00
C CYS A 381 32.96 12.15 7.76
N GLU A 382 32.93 12.38 9.06
CA GLU A 382 31.87 11.88 9.98
C GLU A 382 30.66 12.80 9.84
N GLU A 383 30.84 14.10 10.06
CA GLU A 383 29.76 15.11 9.97
C GLU A 383 29.79 15.80 8.60
N MET A 384 28.66 16.40 8.23
CA MET A 384 28.39 17.06 6.93
C MET A 384 29.43 18.16 6.70
N PRO A 385 30.10 18.17 5.53
CA PRO A 385 31.16 19.14 5.29
C PRO A 385 30.64 20.52 4.92
N PRO A 386 31.47 21.58 5.05
CA PRO A 386 31.02 22.94 4.77
C PRO A 386 30.81 23.04 3.26
N VAL A 387 30.26 24.16 2.79
CA VAL A 387 29.98 24.42 1.34
C VAL A 387 31.28 24.28 0.53
N ASP A 388 31.19 23.89 -0.74
CA ASP A 388 32.29 23.87 -1.75
C ASP A 388 33.49 23.07 -1.21
N THR A 389 33.21 21.93 -0.56
CA THR A 389 34.19 21.04 0.10
C THR A 389 33.88 19.62 -0.34
N PRO A 390 34.31 19.20 -1.54
CA PRO A 390 33.99 17.87 -2.04
C PRO A 390 34.82 16.80 -1.32
N TYR A 391 34.18 15.67 -1.07
CA TYR A 391 34.80 14.39 -0.65
C TYR A 391 34.44 13.39 -1.73
N MET A 392 35.45 12.91 -2.46
CA MET A 392 35.23 11.88 -3.50
C MET A 392 36.34 10.83 -3.50
N ASN A 393 37.11 10.67 -2.43
CA ASN A 393 38.19 9.66 -2.37
C ASN A 393 37.63 8.31 -1.99
N GLY A 394 36.35 8.22 -1.57
CA GLY A 394 35.71 6.92 -1.25
C GLY A 394 34.70 6.53 -2.33
N PRO A 395 34.05 5.35 -2.21
CA PRO A 395 33.08 4.90 -3.19
C PRO A 395 31.76 5.70 -3.16
N ILE A 396 31.52 6.47 -2.12
CA ILE A 396 30.41 7.46 -2.06
C ILE A 396 31.02 8.84 -1.98
N ALA A 397 30.86 9.66 -3.01
CA ALA A 397 31.31 11.07 -3.02
C ALA A 397 30.16 11.96 -2.52
N TYR A 398 30.52 13.11 -1.94
CA TYR A 398 29.54 14.14 -1.53
C TYR A 398 30.12 15.54 -1.70
N HIS A 399 29.31 16.47 -2.19
CA HIS A 399 29.50 17.92 -1.97
C HIS A 399 28.14 18.62 -1.80
N ASN A 400 28.20 19.73 -1.07
CA ASN A 400 27.13 20.74 -0.96
C ASN A 400 27.68 22.07 -1.50
N ARG A 401 27.32 22.45 -2.72
CA ARG A 401 27.91 23.63 -3.39
C ARG A 401 27.03 24.86 -3.11
N LYS A 402 27.65 26.04 -3.14
CA LYS A 402 26.99 27.36 -3.12
C LYS A 402 25.96 27.45 -4.25
N GLY A 403 24.91 28.25 -4.03
CA GLY A 403 23.93 28.63 -5.08
C GLY A 403 22.64 27.82 -4.99
N PRO A 404 21.81 27.89 -6.05
CA PRO A 404 20.48 27.27 -6.05
C PRO A 404 20.43 25.78 -6.41
N HIS A 405 19.29 25.15 -6.11
CA HIS A 405 18.79 23.87 -6.66
C HIS A 405 19.02 23.87 -8.17
N ALA A 406 20.08 23.21 -8.64
CA ALA A 406 20.43 23.10 -10.06
C ALA A 406 21.56 22.08 -10.22
N VAL A 407 21.85 21.72 -11.47
CA VAL A 407 23.15 21.17 -11.94
C VAL A 407 23.89 22.32 -12.62
N LEU A 408 25.06 22.69 -12.10
CA LEU A 408 25.93 23.76 -12.62
C LEU A 408 27.25 23.15 -13.08
N PRO A 409 28.09 23.94 -13.80
CA PRO A 409 29.41 23.50 -14.23
C PRO A 409 30.27 22.97 -13.08
N TYR A 410 30.24 23.67 -11.95
CA TYR A 410 30.88 23.22 -10.69
C TYR A 410 30.59 21.73 -10.45
N ASP A 411 29.30 21.36 -10.50
CA ASP A 411 28.82 19.98 -10.20
C ASP A 411 29.47 19.01 -11.19
N TRP A 412 29.38 19.29 -12.47
CA TRP A 412 30.02 18.49 -13.55
C TRP A 412 31.51 18.40 -13.31
N GLU A 413 32.12 19.48 -12.84
CA GLU A 413 33.57 19.52 -12.59
C GLU A 413 33.88 18.34 -11.65
N GLN A 414 33.14 18.21 -10.56
CA GLN A 414 33.41 17.16 -9.55
C GLN A 414 33.04 15.80 -10.13
N PHE A 415 31.90 15.70 -10.85
CA PHE A 415 31.35 14.44 -11.39
C PHE A 415 32.43 13.79 -12.26
N LEU A 416 33.10 14.56 -13.12
CA LEU A 416 34.08 14.00 -14.08
C LEU A 416 35.40 13.59 -13.37
N ARG A 417 35.85 14.39 -12.41
CA ARG A 417 36.97 14.07 -11.50
C ARG A 417 36.75 12.69 -10.88
N PHE A 418 35.53 12.42 -10.43
CA PHE A 418 35.09 11.17 -9.76
C PHE A 418 34.98 10.06 -10.80
N ALA A 419 34.36 10.35 -11.94
CA ALA A 419 34.26 9.38 -13.04
C ALA A 419 35.67 8.96 -13.47
N ASP A 420 36.60 9.90 -13.63
CA ASP A 420 38.01 9.61 -14.07
C ASP A 420 38.63 8.50 -13.20
N LYS A 421 38.42 8.54 -11.90
CA LYS A 421 38.93 7.54 -10.95
C LYS A 421 38.54 6.10 -11.32
N TYR A 422 37.39 5.88 -11.97
CA TYR A 422 36.83 4.55 -12.31
C TYR A 422 36.98 4.24 -13.80
N PHE A 423 36.84 5.24 -14.66
CA PHE A 423 36.66 5.06 -16.13
C PHE A 423 38.01 5.15 -16.83
N LYS A 424 39.05 5.59 -16.11
CA LYS A 424 40.47 5.71 -16.53
C LYS A 424 41.38 5.12 -15.45
N ASN A 425 42.69 5.01 -15.75
CA ASN A 425 43.78 4.58 -14.82
C ASN A 425 44.70 5.77 -14.52
N LYS B 26 -6.66 17.54 13.17
CA LYS B 26 -7.60 17.82 12.04
C LYS B 26 -8.99 17.27 12.39
N ASP B 27 -10.01 18.13 12.43
CA ASP B 27 -11.41 17.68 12.71
C ASP B 27 -12.00 17.17 11.38
N TYR B 28 -12.71 16.04 11.44
CA TYR B 28 -13.29 15.36 10.27
C TYR B 28 -14.81 15.54 10.29
N ALA B 29 -15.39 15.93 11.42
CA ALA B 29 -16.84 16.20 11.55
C ALA B 29 -17.23 17.36 10.62
N LYS B 30 -16.35 18.37 10.52
CA LYS B 30 -16.61 19.59 9.71
C LYS B 30 -16.41 19.33 8.20
N LEU B 31 -15.75 18.26 7.80
CA LEU B 31 -15.47 18.00 6.36
C LEU B 31 -16.52 17.05 5.75
N ALA B 32 -17.37 16.47 6.59
CA ALA B 32 -18.36 15.45 6.18
C ALA B 32 -19.42 16.08 5.29
N ASN B 33 -19.68 15.47 4.15
CA ASN B 33 -20.85 15.76 3.30
C ASN B 33 -22.00 14.87 3.78
N TYR B 34 -23.16 15.48 4.02
CA TYR B 34 -24.45 14.83 4.34
C TYR B 34 -25.49 15.19 3.29
N ASP B 35 -25.07 15.75 2.16
CA ASP B 35 -26.01 16.34 1.16
C ASP B 35 -26.01 15.41 -0.05
N GLU B 36 -27.11 14.69 -0.25
CA GLU B 36 -27.19 13.63 -1.29
C GLU B 36 -26.90 14.21 -2.67
N SER B 37 -27.33 15.44 -2.92
CA SER B 37 -27.14 16.14 -4.22
C SER B 37 -25.64 16.38 -4.48
N LYS B 38 -24.79 16.30 -3.46
CA LYS B 38 -23.36 16.72 -3.55
C LYS B 38 -22.44 15.50 -3.63
N VAL B 39 -22.99 14.30 -3.51
CA VAL B 39 -22.18 13.05 -3.65
C VAL B 39 -21.54 13.08 -5.02
N PRO B 40 -20.22 12.81 -5.10
CA PRO B 40 -19.49 12.87 -6.36
C PRO B 40 -19.86 11.73 -7.31
N GLN B 41 -19.60 11.93 -8.60
CA GLN B 41 -19.64 10.88 -9.66
C GLN B 41 -18.69 9.77 -9.21
N TYR B 42 -19.05 8.51 -9.44
CA TYR B 42 -18.10 7.39 -9.25
C TYR B 42 -18.54 6.21 -10.10
N THR B 43 -17.58 5.38 -10.52
CA THR B 43 -17.82 4.03 -11.08
C THR B 43 -17.46 3.03 -9.99
N LEU B 44 -18.38 2.13 -9.65
CA LEU B 44 -18.10 0.92 -8.85
C LEU B 44 -17.16 0.06 -9.68
N PRO B 45 -16.05 -0.45 -9.12
CA PRO B 45 -15.24 -1.43 -9.84
C PRO B 45 -16.09 -2.69 -10.08
N SER B 46 -16.09 -3.19 -11.31
CA SER B 46 -16.88 -4.36 -11.79
C SER B 46 -16.50 -5.63 -11.01
N VAL B 47 -17.46 -6.15 -10.25
CA VAL B 47 -17.34 -7.36 -9.40
C VAL B 47 -17.20 -8.64 -10.26
N LEU B 48 -17.75 -8.62 -11.48
CA LEU B 48 -17.78 -9.81 -12.39
C LEU B 48 -16.66 -9.75 -13.43
N MET B 49 -15.84 -8.71 -13.45
CA MET B 49 -14.67 -8.61 -14.37
C MET B 49 -13.41 -9.01 -13.63
N CYS B 50 -12.77 -10.10 -14.04
CA CYS B 50 -11.48 -10.55 -13.48
C CYS B 50 -10.39 -9.55 -13.89
N HIS B 51 -9.26 -9.56 -13.19
CA HIS B 51 -8.12 -8.65 -13.44
C HIS B 51 -7.64 -8.83 -14.87
N ASP B 52 -7.76 -10.03 -15.42
CA ASP B 52 -7.19 -10.38 -16.75
C ASP B 52 -8.23 -10.12 -17.85
N GLY B 53 -9.47 -9.81 -17.50
CA GLY B 53 -10.50 -9.35 -18.47
C GLY B 53 -11.70 -10.28 -18.52
N GLU B 54 -11.53 -11.58 -18.20
CA GLU B 54 -12.60 -12.60 -18.24
C GLU B 54 -13.85 -12.06 -17.55
N MET B 55 -15.01 -12.08 -18.21
CA MET B 55 -16.29 -11.75 -17.55
C MET B 55 -16.82 -13.02 -16.92
N VAL B 56 -17.13 -12.96 -15.62
CA VAL B 56 -17.82 -14.02 -14.84
C VAL B 56 -19.29 -14.03 -15.26
N GLN B 57 -19.80 -15.14 -15.79
CA GLN B 57 -21.27 -15.29 -15.99
C GLN B 57 -21.76 -16.62 -15.43
N THR B 58 -20.89 -17.37 -14.75
CA THR B 58 -21.22 -18.64 -14.06
C THR B 58 -20.68 -18.57 -12.63
N LYS B 59 -21.35 -19.23 -11.69
CA LYS B 59 -20.88 -19.34 -10.27
C LYS B 59 -19.56 -20.13 -10.21
N GLU B 60 -19.31 -21.02 -11.17
CA GLU B 60 -18.02 -21.76 -11.29
C GLU B 60 -16.85 -20.77 -11.47
N GLN B 61 -16.93 -19.88 -12.45
CA GLN B 61 -15.84 -18.90 -12.69
C GLN B 61 -15.66 -18.01 -11.44
N TRP B 62 -16.76 -17.65 -10.77
CA TRP B 62 -16.76 -16.88 -9.50
C TRP B 62 -15.93 -17.61 -8.45
N GLU B 63 -16.25 -18.88 -8.23
CA GLU B 63 -15.67 -19.71 -7.14
C GLU B 63 -14.23 -20.06 -7.49
N GLN B 64 -13.93 -20.41 -8.73
CA GLN B 64 -12.56 -20.84 -9.11
C GLN B 64 -11.60 -19.65 -9.35
N LYS B 65 -12.10 -18.45 -9.68
CA LYS B 65 -11.21 -17.36 -10.16
C LYS B 65 -11.51 -16.02 -9.48
N ARG B 66 -12.73 -15.51 -9.62
CA ARG B 66 -13.06 -14.09 -9.32
C ARG B 66 -13.03 -13.86 -7.80
N ARG B 67 -13.63 -14.78 -7.02
CA ARG B 67 -13.71 -14.67 -5.54
C ARG B 67 -12.30 -14.72 -4.92
N PRO B 68 -11.45 -15.71 -5.26
CA PRO B 68 -10.07 -15.73 -4.78
C PRO B 68 -9.32 -14.39 -5.01
N GLU B 69 -9.51 -13.76 -6.17
CA GLU B 69 -8.87 -12.47 -6.55
C GLU B 69 -9.32 -11.39 -5.58
N ILE B 70 -10.64 -11.28 -5.42
CA ILE B 70 -11.29 -10.25 -4.58
C ILE B 70 -10.91 -10.49 -3.11
N LEU B 71 -10.94 -11.73 -2.63
CA LEU B 71 -10.59 -12.03 -1.23
C LEU B 71 -9.16 -11.56 -0.99
N ASN B 72 -8.28 -11.79 -1.97
CA ASN B 72 -6.84 -11.50 -1.85
C ASN B 72 -6.66 -9.97 -1.73
N LEU B 73 -7.49 -9.21 -2.43
CA LEU B 73 -7.38 -7.74 -2.47
C LEU B 73 -7.80 -7.17 -1.13
N PHE B 74 -8.88 -7.70 -0.54
CA PHE B 74 -9.36 -7.27 0.81
C PHE B 74 -8.31 -7.67 1.85
N THR B 75 -7.77 -8.88 1.74
CA THR B 75 -6.78 -9.41 2.70
C THR B 75 -5.54 -8.54 2.60
N THR B 76 -5.00 -8.36 1.39
CA THR B 76 -3.71 -7.65 1.19
C THR B 76 -3.87 -6.16 1.52
N TYR B 77 -4.91 -5.52 1.02
CA TYR B 77 -4.94 -4.04 0.88
C TYR B 77 -5.83 -3.37 1.92
N MET B 78 -6.74 -4.08 2.61
CA MET B 78 -7.70 -3.44 3.58
C MET B 78 -7.56 -4.01 5.00
N PHE B 79 -7.87 -5.29 5.22
CA PHE B 79 -7.92 -5.91 6.58
C PHE B 79 -6.55 -6.37 7.06
N GLY B 80 -5.75 -6.99 6.19
CA GLY B 80 -4.41 -7.50 6.50
C GLY B 80 -4.45 -8.99 6.75
N LYS B 81 -3.43 -9.72 6.28
CA LYS B 81 -3.32 -11.21 6.44
C LYS B 81 -3.17 -11.57 7.93
N ALA B 82 -4.08 -12.41 8.44
CA ALA B 82 -4.03 -13.01 9.79
C ALA B 82 -3.29 -14.34 9.70
N PRO B 83 -2.70 -14.86 10.79
CA PRO B 83 -2.08 -16.18 10.77
C PRO B 83 -3.06 -17.28 10.35
N VAL B 84 -2.63 -18.21 9.49
CA VAL B 84 -3.36 -19.47 9.20
C VAL B 84 -2.69 -20.54 10.05
N LEU B 85 -3.51 -21.33 10.76
CA LEU B 85 -3.05 -22.34 11.75
C LEU B 85 -3.18 -23.73 11.12
N LYS B 86 -2.16 -24.57 11.26
CA LYS B 86 -2.14 -25.96 10.75
C LYS B 86 -3.10 -26.85 11.57
N HIS B 87 -3.33 -26.51 12.84
CA HIS B 87 -4.34 -27.19 13.70
C HIS B 87 -4.92 -26.22 14.72
N LYS B 88 -6.08 -26.56 15.30
CA LYS B 88 -6.83 -25.72 16.28
C LYS B 88 -5.96 -25.39 17.50
N LEU B 89 -6.45 -24.52 18.37
CA LEU B 89 -5.78 -24.09 19.62
C LEU B 89 -6.57 -24.67 20.78
N PRO B 90 -5.92 -24.85 21.97
CA PRO B 90 -6.59 -25.44 23.13
C PRO B 90 -7.75 -24.56 23.64
N CYS B 91 -8.96 -25.10 23.61
CA CYS B 91 -10.20 -24.55 24.24
CA CYS B 91 -10.15 -24.51 24.28
C CYS B 91 -10.56 -25.44 25.44
N THR B 92 -11.23 -24.88 26.44
CA THR B 92 -11.49 -25.52 27.76
C THR B 92 -12.80 -24.97 28.31
N VAL B 93 -13.73 -25.84 28.68
CA VAL B 93 -15.08 -25.46 29.19
C VAL B 93 -15.00 -25.26 30.71
N SER B 94 -14.66 -24.05 31.15
CA SER B 94 -14.24 -23.72 32.54
C SER B 94 -15.44 -23.51 33.48
N ARG B 95 -16.66 -23.88 33.08
CA ARG B 95 -17.90 -23.78 33.92
C ARG B 95 -19.15 -23.91 33.06
N ILE B 96 -20.04 -24.86 33.38
CA ILE B 96 -21.38 -25.01 32.72
C ILE B 96 -22.45 -24.79 33.78
N ASN B 97 -23.69 -24.52 33.35
CA ASN B 97 -24.87 -24.45 34.24
C ASN B 97 -26.11 -24.68 33.37
N GLU B 98 -26.62 -25.90 33.40
CA GLU B 98 -27.75 -26.39 32.57
C GLU B 98 -29.05 -25.70 33.01
N LYS B 99 -29.12 -25.22 34.26
CA LYS B 99 -30.36 -24.64 34.85
C LYS B 99 -30.31 -23.12 34.86
N ALA B 100 -29.34 -22.52 34.17
CA ALA B 100 -29.19 -21.05 34.03
C ALA B 100 -30.55 -20.41 33.66
N LEU B 101 -30.74 -19.18 34.13
CA LEU B 101 -31.91 -18.28 33.87
C LEU B 101 -33.19 -18.97 34.33
N ASN B 102 -33.11 -19.67 35.48
CA ASN B 102 -34.18 -20.48 36.11
C ASN B 102 -34.63 -21.59 35.14
N GLY B 103 -33.68 -22.43 34.74
CA GLY B 103 -33.95 -23.63 33.91
C GLY B 103 -34.05 -23.33 32.42
N ARG B 104 -34.30 -22.07 32.02
CA ARG B 104 -34.70 -21.71 30.64
C ARG B 104 -33.56 -22.00 29.64
N ALA B 105 -32.31 -21.96 30.07
CA ALA B 105 -31.14 -22.07 29.17
C ALA B 105 -29.96 -22.69 29.91
N THR B 106 -29.04 -23.32 29.17
CA THR B 106 -27.69 -23.69 29.66
C THR B 106 -26.73 -22.52 29.43
N ARG B 107 -25.86 -22.22 30.40
CA ARG B 107 -24.76 -21.26 30.20
C ARG B 107 -23.45 -22.00 30.29
N LYS B 108 -22.57 -21.82 29.30
CA LYS B 108 -21.22 -22.43 29.27
C LYS B 108 -20.17 -21.32 29.27
N GLU B 109 -18.99 -21.59 29.84
CA GLU B 109 -17.87 -20.63 29.88
C GLU B 109 -16.68 -21.36 29.31
N ILE B 110 -16.37 -21.09 28.04
CA ILE B 110 -15.23 -21.70 27.31
C ILE B 110 -14.11 -20.66 27.35
N THR B 111 -12.93 -21.06 27.81
CA THR B 111 -11.65 -20.34 27.58
C THR B 111 -11.13 -20.80 26.22
N ILE B 112 -10.47 -19.92 25.47
CA ILE B 112 -9.93 -20.20 24.10
C ILE B 112 -8.54 -19.60 23.99
N GLN B 113 -7.52 -20.43 24.00
CA GLN B 113 -6.12 -19.97 23.83
C GLN B 113 -6.00 -19.42 22.41
N LEU B 114 -5.31 -18.30 22.26
CA LEU B 114 -5.08 -17.63 20.96
C LEU B 114 -3.62 -17.87 20.56
N THR B 115 -2.91 -18.70 21.32
CA THR B 115 -1.46 -18.96 21.17
C THR B 115 -1.14 -20.38 21.65
N ASP B 116 0.09 -20.84 21.40
CA ASP B 116 0.70 -22.05 22.05
C ASP B 116 0.67 -21.87 23.57
N ASP B 117 1.21 -20.73 24.05
CA ASP B 117 1.29 -20.33 25.48
C ASP B 117 -0.12 -20.28 26.10
N PRO B 118 -0.37 -20.99 27.22
CA PRO B 118 -1.67 -20.92 27.90
C PRO B 118 -1.82 -19.66 28.75
N GLN B 119 -0.70 -19.09 29.22
CA GLN B 119 -0.66 -17.81 29.97
C GLN B 119 -0.76 -16.62 28.98
N GLY B 120 -0.71 -16.88 27.67
CA GLY B 120 -0.92 -15.86 26.62
C GLY B 120 -2.38 -15.39 26.57
N PRO B 121 -2.71 -14.45 25.67
CA PRO B 121 -4.08 -13.96 25.55
C PRO B 121 -5.04 -15.14 25.26
N HIS B 122 -6.28 -15.02 25.73
CA HIS B 122 -7.35 -16.01 25.55
C HIS B 122 -8.69 -15.28 25.42
N ILE B 123 -9.67 -15.93 24.80
CA ILE B 123 -11.07 -15.43 24.64
C ILE B 123 -11.89 -16.05 25.76
N ASP B 124 -12.59 -15.22 26.54
CA ASP B 124 -13.58 -15.69 27.54
C ASP B 124 -14.91 -15.77 26.77
N LEU B 125 -15.14 -16.90 26.11
CA LEU B 125 -16.39 -17.15 25.35
C LEU B 125 -17.52 -17.52 26.31
N GLN B 126 -18.64 -16.80 26.23
CA GLN B 126 -19.87 -17.08 27.01
C GLN B 126 -20.97 -17.49 26.03
N LEU B 127 -21.52 -18.69 26.24
CA LEU B 127 -22.52 -19.30 25.35
C LEU B 127 -23.78 -19.60 26.17
N TYR B 128 -24.94 -19.17 25.68
CA TYR B 128 -26.30 -19.50 26.18
C TYR B 128 -26.98 -20.35 25.11
N LEU B 129 -27.52 -21.50 25.51
CA LEU B 129 -28.26 -22.44 24.64
C LEU B 129 -29.64 -22.64 25.26
N PRO B 130 -30.72 -22.61 24.45
CA PRO B 130 -32.07 -22.80 24.98
C PRO B 130 -32.32 -24.25 25.45
N ASN B 131 -32.82 -24.43 26.67
CA ASN B 131 -33.09 -25.76 27.29
C ASN B 131 -34.34 -26.33 26.65
N HIS B 132 -34.37 -27.66 26.44
CA HIS B 132 -35.53 -28.41 25.89
C HIS B 132 -35.92 -27.84 24.52
N VAL B 133 -35.03 -27.95 23.53
CA VAL B 133 -35.37 -27.79 22.09
C VAL B 133 -34.93 -29.06 21.35
N SER B 134 -35.77 -29.52 20.43
CA SER B 134 -35.47 -30.68 19.57
C SER B 134 -34.38 -30.31 18.58
N GLY B 135 -33.26 -31.05 18.59
CA GLY B 135 -32.20 -31.01 17.57
C GLY B 135 -31.12 -30.04 17.98
N LYS B 136 -30.03 -30.01 17.21
CA LYS B 136 -28.88 -29.09 17.39
C LYS B 136 -29.37 -27.66 17.18
N ILE B 137 -28.79 -26.71 17.90
CA ILE B 137 -29.31 -25.31 18.06
C ILE B 137 -28.49 -24.36 17.21
N PRO B 138 -29.13 -23.50 16.38
CA PRO B 138 -28.44 -22.38 15.74
C PRO B 138 -28.02 -21.31 16.76
N VAL B 139 -26.81 -20.79 16.59
CA VAL B 139 -26.17 -19.83 17.52
C VAL B 139 -25.82 -18.53 16.78
N PHE B 140 -26.12 -17.37 17.37
CA PHE B 140 -25.55 -16.06 16.96
C PHE B 140 -24.20 -15.89 17.66
N LEU B 141 -23.12 -15.94 16.89
CA LEU B 141 -21.78 -15.52 17.37
C LEU B 141 -21.71 -13.99 17.27
N GLY B 142 -21.87 -13.33 18.42
CA GLY B 142 -21.68 -11.89 18.62
C GLY B 142 -20.27 -11.60 19.12
N ILE B 143 -19.77 -10.42 18.85
CA ILE B 143 -18.54 -9.93 19.51
C ILE B 143 -18.95 -8.60 20.19
N SER B 144 -18.60 -8.42 21.47
CA SER B 144 -19.17 -7.33 22.32
C SER B 144 -18.09 -6.31 22.70
N PHE B 145 -18.50 -5.07 22.89
CA PHE B 145 -17.64 -3.93 23.30
C PHE B 145 -17.22 -4.10 24.75
N MET B 146 -18.08 -4.76 25.53
CA MET B 146 -17.97 -4.84 27.01
C MET B 146 -17.83 -6.30 27.42
N PRO B 147 -17.46 -6.60 28.68
CA PRO B 147 -17.40 -7.99 29.16
C PRO B 147 -18.76 -8.71 29.13
N ASN B 148 -18.71 -10.03 29.26
CA ASN B 148 -19.86 -10.93 29.00
C ASN B 148 -20.97 -10.70 30.05
N TYR B 149 -20.66 -10.33 31.29
CA TYR B 149 -21.70 -10.04 32.32
C TYR B 149 -22.61 -8.88 31.90
N THR B 150 -22.31 -8.16 30.81
CA THR B 150 -23.14 -7.00 30.38
C THR B 150 -24.26 -7.50 29.48
N ILE B 151 -24.17 -8.74 29.03
CA ILE B 151 -25.08 -9.28 27.98
C ILE B 151 -26.45 -9.51 28.62
N TYR B 152 -26.47 -9.95 29.88
CA TYR B 152 -27.74 -10.28 30.59
C TYR B 152 -27.56 -10.05 32.09
N ASP B 153 -28.65 -9.73 32.78
CA ASP B 153 -28.69 -9.80 34.25
C ASP B 153 -28.87 -11.28 34.61
N ASP B 154 -27.74 -11.97 34.75
CA ASP B 154 -27.66 -13.40 35.13
C ASP B 154 -27.01 -13.49 36.51
N PRO B 155 -27.78 -13.78 37.59
CA PRO B 155 -27.28 -13.68 38.96
C PRO B 155 -26.03 -14.53 39.27
N ASP B 156 -25.79 -15.57 38.46
CA ASP B 156 -24.67 -16.54 38.61
C ASP B 156 -23.33 -15.86 38.28
N LEU B 157 -23.38 -14.63 37.75
CA LEU B 157 -22.19 -13.78 37.42
C LEU B 157 -22.08 -12.66 38.45
N SER B 158 -21.02 -11.87 38.36
CA SER B 158 -20.70 -10.76 39.28
C SER B 158 -19.90 -9.69 38.52
N VAL B 159 -19.35 -8.69 39.23
CA VAL B 159 -18.55 -7.57 38.64
C VAL B 159 -17.52 -7.11 39.69
N SER B 171 -21.04 -0.05 32.49
CA SER B 171 -20.32 -1.35 32.63
C SER B 171 -20.68 -1.99 33.97
N PHE B 172 -21.95 -2.41 34.07
CA PHE B 172 -22.51 -3.24 35.18
C PHE B 172 -23.36 -4.35 34.55
N ARG B 173 -23.57 -5.44 35.29
CA ARG B 173 -24.31 -6.64 34.82
C ARG B 173 -25.64 -6.21 34.19
N GLY B 174 -25.88 -6.62 32.93
CA GLY B 174 -27.13 -6.34 32.19
C GLY B 174 -27.05 -5.14 31.26
N SER B 175 -26.04 -4.28 31.40
CA SER B 175 -25.95 -2.95 30.70
C SER B 175 -26.35 -3.06 29.23
N MET B 176 -25.82 -4.05 28.50
CA MET B 176 -25.88 -4.17 27.01
C MET B 176 -27.06 -5.05 26.57
N ASP B 177 -27.69 -5.72 27.53
CA ASP B 177 -28.98 -6.46 27.37
C ASP B 177 -29.85 -5.86 26.26
N LYS B 178 -30.03 -4.54 26.23
CA LYS B 178 -30.91 -3.88 25.24
C LYS B 178 -30.42 -4.22 23.83
N SER B 179 -29.11 -4.45 23.64
CA SER B 179 -28.45 -4.60 22.32
C SER B 179 -28.31 -6.08 21.95
N TRP B 180 -28.65 -7.00 22.86
CA TRP B 180 -28.45 -8.47 22.67
C TRP B 180 -29.77 -9.24 22.71
N GLN B 181 -30.76 -8.81 23.51
CA GLN B 181 -32.12 -9.42 23.55
C GLN B 181 -31.99 -10.96 23.65
N LEU B 182 -31.24 -11.46 24.63
CA LEU B 182 -31.13 -12.92 24.89
C LEU B 182 -32.52 -13.56 24.95
N ASP B 183 -33.47 -12.96 25.68
CA ASP B 183 -34.82 -13.56 25.88
C ASP B 183 -35.41 -13.88 24.52
N LYS B 184 -35.37 -12.92 23.60
CA LYS B 184 -35.96 -13.07 22.24
C LYS B 184 -35.23 -14.17 21.46
N ILE B 185 -33.91 -14.26 21.60
CA ILE B 185 -33.08 -15.27 20.88
C ILE B 185 -33.50 -16.67 21.39
N LEU B 186 -33.45 -16.87 22.71
CA LEU B 186 -33.89 -18.13 23.39
C LEU B 186 -35.29 -18.50 22.90
N GLU B 187 -36.25 -17.55 22.95
CA GLU B 187 -37.66 -17.74 22.52
C GLU B 187 -37.72 -18.30 21.09
N HIS B 188 -36.72 -18.04 20.24
CA HIS B 188 -36.71 -18.47 18.82
C HIS B 188 -36.17 -19.90 18.66
N GLY B 189 -35.68 -20.52 19.74
CA GLY B 189 -34.96 -21.80 19.67
C GLY B 189 -33.51 -21.61 19.27
N TYR B 190 -32.99 -20.39 19.34
CA TYR B 190 -31.57 -20.04 19.07
C TYR B 190 -30.86 -19.70 20.38
N GLY B 191 -29.56 -19.98 20.43
CA GLY B 191 -28.65 -19.51 21.48
C GLY B 191 -27.79 -18.35 20.98
N LEU B 192 -26.76 -18.01 21.75
CA LEU B 192 -25.94 -16.78 21.58
C LEU B 192 -24.59 -16.98 22.26
N ALA B 193 -23.52 -16.84 21.48
CA ALA B 193 -22.13 -16.87 21.96
C ALA B 193 -21.59 -15.45 21.82
N THR B 194 -20.81 -15.01 22.80
CA THR B 194 -20.25 -13.64 22.89
C THR B 194 -18.89 -13.74 23.55
N PHE B 195 -17.94 -12.97 23.02
CA PHE B 195 -16.71 -12.57 23.75
C PHE B 195 -16.47 -11.07 23.53
N CYS B 196 -15.81 -10.45 24.50
CA CYS B 196 -15.42 -9.04 24.45
C CYS B 196 -14.17 -8.96 23.59
N TYR B 197 -14.18 -8.04 22.63
CA TYR B 197 -13.11 -7.84 21.62
C TYR B 197 -11.78 -7.48 22.33
N ASN B 198 -11.83 -6.92 23.54
CA ASN B 198 -10.63 -6.55 24.31
C ASN B 198 -9.78 -7.79 24.60
N ASP B 199 -10.42 -8.97 24.72
CA ASP B 199 -9.74 -10.29 24.91
C ASP B 199 -8.68 -10.51 23.83
N VAL B 200 -8.91 -10.07 22.59
CA VAL B 200 -8.08 -10.44 21.41
C VAL B 200 -7.04 -9.35 21.11
N ASP B 201 -7.45 -8.08 21.06
CA ASP B 201 -6.54 -6.91 20.90
C ASP B 201 -7.27 -5.69 21.42
N PRO B 202 -6.67 -4.93 22.38
CA PRO B 202 -7.26 -3.67 22.81
C PRO B 202 -7.54 -2.71 21.64
N ASP B 203 -8.63 -1.96 21.80
CA ASP B 203 -9.10 -0.91 20.88
C ASP B 203 -8.39 0.39 21.25
N PHE B 204 -7.10 0.49 20.95
CA PHE B 204 -6.35 1.77 20.94
C PHE B 204 -4.98 1.52 20.30
N ASP B 205 -4.39 2.58 19.73
CA ASP B 205 -3.14 2.50 18.93
C ASP B 205 -1.94 2.49 19.87
N ASP B 206 -1.43 1.27 20.15
CA ASP B 206 -0.29 0.95 21.05
C ASP B 206 0.88 0.49 20.18
N ASP B 207 0.81 0.68 18.87
CA ASP B 207 1.70 0.07 17.84
C ASP B 207 1.72 -1.46 17.98
N PHE B 208 0.58 -2.09 18.29
CA PHE B 208 0.36 -3.56 18.36
C PHE B 208 1.37 -4.23 19.33
N GLN B 209 1.71 -3.55 20.42
CA GLN B 209 2.67 -4.01 21.47
C GLN B 209 1.91 -4.89 22.47
N ASN B 210 0.60 -4.67 22.66
CA ASN B 210 -0.30 -5.50 23.50
C ASN B 210 -1.01 -6.54 22.62
N GLY B 211 -2.01 -7.24 23.17
CA GLY B 211 -2.89 -8.19 22.44
C GLY B 211 -2.12 -9.29 21.75
N VAL B 212 -2.75 -9.93 20.76
CA VAL B 212 -2.26 -11.17 20.09
C VAL B 212 -1.06 -10.88 19.17
N HIS B 213 -0.98 -9.69 18.58
CA HIS B 213 -0.04 -9.36 17.47
C HIS B 213 1.39 -9.77 17.78
N PRO B 214 1.96 -9.40 18.96
CA PRO B 214 3.34 -9.72 19.30
C PRO B 214 3.68 -11.22 19.25
N TYR B 215 2.71 -12.05 19.58
CA TYR B 215 2.86 -13.52 19.69
C TYR B 215 2.94 -14.16 18.31
N TYR B 216 2.85 -13.39 17.22
CA TYR B 216 2.95 -13.95 15.85
C TYR B 216 4.03 -13.26 15.02
N TYR B 217 4.82 -12.35 15.58
CA TYR B 217 5.97 -11.74 14.87
C TYR B 217 7.02 -12.80 14.60
N GLU B 218 7.94 -12.50 13.69
CA GLU B 218 9.17 -13.27 13.42
C GLU B 218 10.35 -12.43 13.95
N LYS B 219 11.42 -13.11 14.40
CA LYS B 219 12.61 -12.44 14.94
C LYS B 219 12.99 -11.32 13.97
N GLY B 220 13.19 -10.11 14.48
CA GLY B 220 13.55 -8.94 13.68
C GLY B 220 12.32 -8.16 13.22
N GLN B 221 11.18 -8.35 13.92
CA GLN B 221 9.87 -7.70 13.61
C GLN B 221 9.24 -7.15 14.90
N ASN B 222 9.09 -5.83 14.98
CA ASN B 222 8.47 -5.09 16.11
C ASN B 222 6.99 -4.81 15.83
N PHE B 223 6.56 -4.93 14.57
CA PHE B 223 5.31 -4.33 14.01
C PHE B 223 4.82 -5.16 12.82
N PRO B 224 3.48 -5.27 12.59
CA PRO B 224 2.98 -6.00 11.42
C PRO B 224 3.57 -5.45 10.12
N ASP B 225 3.76 -6.30 9.13
CA ASP B 225 4.09 -5.83 7.76
C ASP B 225 2.85 -5.10 7.23
N PRO B 226 3.03 -4.21 6.23
CA PRO B 226 1.93 -3.44 5.67
C PRO B 226 0.73 -4.26 5.21
N ASP B 227 0.97 -5.52 4.82
CA ASP B 227 -0.06 -6.43 4.24
C ASP B 227 -0.62 -7.35 5.31
N GLN B 228 -0.34 -7.10 6.59
CA GLN B 228 -0.71 -8.02 7.71
C GLN B 228 -1.75 -7.38 8.62
N TRP B 229 -2.38 -8.22 9.43
CA TRP B 229 -3.59 -7.89 10.23
C TRP B 229 -3.36 -6.64 11.10
N GLY B 230 -4.36 -5.75 11.09
CA GLY B 230 -4.64 -4.80 12.17
C GLY B 230 -5.70 -5.38 13.09
N SER B 231 -6.41 -4.54 13.83
CA SER B 231 -7.27 -4.94 14.97
C SER B 231 -8.59 -5.53 14.47
N ILE B 232 -9.14 -5.05 13.36
CA ILE B 232 -10.38 -5.64 12.78
C ILE B 232 -10.10 -7.04 12.25
N ALA B 233 -8.96 -7.22 11.60
CA ALA B 233 -8.50 -8.53 11.12
C ALA B 233 -8.32 -9.48 12.31
N ALA B 234 -7.79 -8.99 13.43
CA ALA B 234 -7.54 -9.79 14.65
C ALA B 234 -8.86 -10.15 15.33
N TRP B 235 -9.77 -9.17 15.51
CA TRP B 235 -11.12 -9.36 16.09
C TRP B 235 -11.92 -10.37 15.26
N ALA B 236 -11.84 -10.28 13.94
CA ALA B 236 -12.48 -11.24 13.02
C ALA B 236 -11.85 -12.62 13.20
N TRP B 237 -10.53 -12.70 13.31
CA TRP B 237 -9.80 -13.98 13.51
C TRP B 237 -10.22 -14.62 14.85
N GLY B 238 -10.32 -13.80 15.90
CA GLY B 238 -11.02 -14.06 17.17
C GLY B 238 -12.30 -14.85 16.98
N MET B 239 -13.20 -14.41 16.10
CA MET B 239 -14.54 -15.04 15.93
C MET B 239 -14.40 -16.39 15.20
N SER B 240 -13.31 -16.56 14.45
N SER B 240 -13.29 -16.59 14.49
CA SER B 240 -12.91 -17.84 13.82
CA SER B 240 -12.94 -17.88 13.82
C SER B 240 -12.40 -18.84 14.88
C SER B 240 -12.35 -18.86 14.84
N ARG B 241 -11.63 -18.37 15.86
CA ARG B 241 -11.20 -19.22 17.02
C ARG B 241 -12.45 -19.60 17.85
N ALA B 242 -13.45 -18.70 17.97
CA ALA B 242 -14.69 -18.99 18.72
C ALA B 242 -15.51 -20.06 17.96
N MET B 243 -15.55 -19.97 16.63
CA MET B 243 -16.29 -20.97 15.83
C MET B 243 -15.57 -22.32 15.96
N ASP B 244 -14.23 -22.32 15.97
CA ASP B 244 -13.40 -23.54 16.11
C ASP B 244 -13.86 -24.30 17.35
N TYR B 245 -14.28 -23.63 18.42
CA TYR B 245 -14.97 -24.30 19.55
C TYR B 245 -16.39 -24.69 19.13
N LEU B 246 -17.18 -23.74 18.62
CA LEU B 246 -18.66 -23.89 18.49
C LEU B 246 -19.03 -25.15 17.71
N GLU B 247 -18.16 -25.59 16.79
CA GLU B 247 -18.49 -26.71 15.88
C GLU B 247 -18.38 -28.01 16.68
N THR B 248 -17.30 -28.15 17.46
CA THR B 248 -17.05 -29.24 18.44
C THR B 248 -18.22 -29.42 19.42
N ASP B 249 -19.01 -28.40 19.71
CA ASP B 249 -20.12 -28.49 20.69
C ASP B 249 -21.24 -29.34 20.06
N LYS B 250 -21.77 -30.29 20.82
CA LYS B 250 -22.68 -31.36 20.32
C LYS B 250 -24.11 -30.80 20.25
N LYS B 251 -24.45 -29.80 21.07
CA LYS B 251 -25.82 -29.21 21.06
C LYS B 251 -25.90 -28.08 20.02
N VAL B 252 -24.76 -27.63 19.46
CA VAL B 252 -24.70 -26.52 18.46
C VAL B 252 -24.81 -27.08 17.04
N ASP B 253 -25.70 -26.48 16.25
CA ASP B 253 -25.77 -26.64 14.76
C ASP B 253 -24.65 -25.80 14.14
N ALA B 254 -23.53 -26.46 13.78
CA ALA B 254 -22.33 -25.79 13.22
C ALA B 254 -22.53 -25.39 11.75
N LYS B 255 -23.65 -25.80 11.12
CA LYS B 255 -24.09 -25.32 9.78
C LYS B 255 -25.06 -24.14 9.92
N LYS B 256 -25.24 -23.62 11.12
CA LYS B 256 -26.24 -22.56 11.42
C LYS B 256 -25.72 -21.64 12.52
N VAL B 257 -24.47 -21.17 12.37
CA VAL B 257 -23.88 -20.08 13.18
C VAL B 257 -23.86 -18.80 12.35
N ALA B 258 -24.61 -17.80 12.81
CA ALA B 258 -24.62 -16.42 12.29
C ALA B 258 -23.45 -15.69 12.92
N VAL B 259 -22.97 -14.61 12.29
CA VAL B 259 -22.03 -13.64 12.93
C VAL B 259 -22.71 -12.27 12.96
N ILE B 260 -22.65 -11.63 14.12
CA ILE B 260 -23.29 -10.31 14.34
C ILE B 260 -22.32 -9.40 15.11
N GLY B 261 -22.30 -8.12 14.73
CA GLY B 261 -21.51 -7.07 15.40
C GLY B 261 -22.10 -5.71 15.08
N HIS B 262 -22.02 -4.78 16.03
CA HIS B 262 -22.45 -3.37 15.83
C HIS B 262 -21.23 -2.51 15.51
N SER B 263 -21.38 -1.57 14.59
CA SER B 263 -20.41 -0.46 14.44
C SER B 263 -19.06 -1.02 13.97
N ARG B 264 -17.97 -0.75 14.69
CA ARG B 264 -16.62 -1.28 14.37
C ARG B 264 -16.64 -2.80 14.42
N LEU B 265 -17.49 -3.37 15.27
CA LEU B 265 -17.64 -4.84 15.43
C LEU B 265 -18.60 -5.40 14.36
N GLY B 266 -19.39 -4.54 13.72
CA GLY B 266 -20.14 -4.82 12.47
C GLY B 266 -19.23 -4.91 11.26
N LYS B 267 -18.22 -4.04 11.17
CA LYS B 267 -17.13 -4.14 10.15
C LYS B 267 -16.38 -5.45 10.39
N THR B 268 -16.11 -5.80 11.64
CA THR B 268 -15.45 -7.08 11.99
C THR B 268 -16.35 -8.24 11.55
N ALA B 269 -17.65 -8.17 11.82
CA ALA B 269 -18.60 -9.29 11.59
C ALA B 269 -18.66 -9.59 10.09
N VAL B 270 -18.66 -8.55 9.27
CA VAL B 270 -18.68 -8.78 7.80
C VAL B 270 -17.38 -9.49 7.40
N TRP B 271 -16.22 -9.00 7.83
CA TRP B 271 -14.92 -9.56 7.38
C TRP B 271 -14.83 -11.03 7.82
N ALA B 272 -15.12 -11.31 9.09
CA ALA B 272 -15.32 -12.67 9.64
C ALA B 272 -16.14 -13.51 8.64
N GLY B 273 -17.35 -13.07 8.29
CA GLY B 273 -18.23 -13.78 7.35
C GLY B 273 -17.58 -14.00 5.99
N ALA B 274 -16.87 -12.99 5.46
CA ALA B 274 -16.22 -13.04 4.14
C ALA B 274 -14.99 -13.96 4.19
N SER B 275 -14.16 -13.85 5.23
N SER B 275 -14.17 -13.78 5.22
CA SER B 275 -12.86 -14.58 5.28
CA SER B 275 -12.89 -14.50 5.44
C SER B 275 -13.01 -15.90 6.03
C SER B 275 -13.16 -15.99 5.66
N ASP B 276 -14.24 -16.30 6.38
CA ASP B 276 -14.52 -17.64 7.00
C ASP B 276 -15.91 -18.12 6.57
N PRO B 277 -16.00 -18.87 5.44
CA PRO B 277 -17.29 -19.27 4.89
C PRO B 277 -18.06 -20.33 5.69
N ARG B 278 -17.59 -20.72 6.87
CA ARG B 278 -18.32 -21.67 7.75
C ARG B 278 -19.57 -20.98 8.32
N PHE B 279 -19.46 -19.68 8.60
CA PHE B 279 -20.58 -18.85 9.08
C PHE B 279 -21.66 -18.87 7.99
N ALA B 280 -22.93 -18.99 8.45
CA ALA B 280 -24.13 -19.32 7.64
C ALA B 280 -24.88 -18.04 7.29
N LEU B 281 -24.77 -17.02 8.14
CA LEU B 281 -25.50 -15.74 7.98
C LEU B 281 -24.66 -14.62 8.61
N VAL B 282 -24.69 -13.43 8.04
CA VAL B 282 -23.89 -12.27 8.51
C VAL B 282 -24.83 -11.14 8.89
N ILE B 283 -24.68 -10.58 10.08
CA ILE B 283 -25.50 -9.42 10.50
C ILE B 283 -24.58 -8.21 10.71
N SER B 284 -24.76 -7.23 9.82
CA SER B 284 -24.09 -5.91 9.79
C SER B 284 -24.96 -4.88 10.52
N GLY B 285 -24.66 -4.65 11.79
CA GLY B 285 -25.27 -3.55 12.56
C GLY B 285 -24.54 -2.23 12.36
N ASN B 286 -25.04 -1.39 11.47
CA ASN B 286 -24.51 -0.01 11.25
C ASN B 286 -23.01 -0.05 10.99
N SER B 287 -22.53 -1.05 10.23
CA SER B 287 -21.09 -1.22 9.92
C SER B 287 -20.56 0.08 9.30
N GLY B 288 -21.32 0.68 8.39
CA GLY B 288 -20.98 1.97 7.80
C GLY B 288 -19.68 1.96 7.03
N CYS B 289 -18.87 3.02 7.23
CA CYS B 289 -17.63 3.30 6.46
C CYS B 289 -16.65 2.12 6.60
N CYS B 290 -16.21 1.55 5.48
CA CYS B 290 -15.29 0.37 5.45
C CYS B 290 -15.97 -0.87 6.07
N GLY B 291 -17.31 -0.83 6.15
CA GLY B 291 -18.18 -2.01 6.32
C GLY B 291 -18.86 -2.35 5.01
N VAL B 292 -20.13 -1.99 4.82
CA VAL B 292 -20.92 -2.25 3.57
C VAL B 292 -21.18 -0.97 2.77
N ALA B 293 -21.05 0.21 3.39
CA ALA B 293 -21.21 1.51 2.72
C ALA B 293 -20.18 1.69 1.61
N ILE B 294 -20.63 2.14 0.43
CA ILE B 294 -19.79 2.40 -0.78
C ILE B 294 -18.80 3.53 -0.42
N SER B 295 -17.51 3.21 -0.37
CA SER B 295 -16.41 4.14 -0.02
C SER B 295 -16.44 5.36 -0.96
N ARG B 296 -16.72 5.15 -2.25
CA ARG B 296 -16.62 6.20 -3.31
C ARG B 296 -17.68 7.31 -3.14
N ARG B 297 -18.64 7.12 -2.23
CA ARG B 297 -19.72 8.13 -2.01
C ARG B 297 -19.17 9.28 -1.15
N CYS B 298 -18.15 9.03 -0.33
CA CYS B 298 -17.46 10.03 0.52
C CYS B 298 -18.49 10.77 1.38
N PHE B 299 -19.54 10.06 1.73
CA PHE B 299 -20.68 10.58 2.50
C PHE B 299 -20.40 10.27 3.96
N GLY B 300 -20.63 11.26 4.81
CA GLY B 300 -20.30 11.13 6.23
C GLY B 300 -18.86 10.70 6.36
N GLU B 301 -18.62 9.59 7.04
CA GLU B 301 -17.25 9.15 7.37
C GLU B 301 -16.61 8.75 6.05
N THR B 302 -15.34 9.13 5.89
CA THR B 302 -14.43 8.72 4.79
C THR B 302 -13.32 7.82 5.30
N VAL B 303 -12.61 7.20 4.35
CA VAL B 303 -11.42 6.33 4.61
C VAL B 303 -10.40 7.12 5.42
N GLU B 304 -10.11 8.37 5.05
CA GLU B 304 -9.07 9.18 5.74
C GLU B 304 -9.50 9.43 7.19
N ALA B 305 -10.72 9.89 7.41
CA ALA B 305 -11.30 10.05 8.76
C ALA B 305 -11.06 8.78 9.58
N MET B 306 -11.36 7.61 9.02
CA MET B 306 -11.21 6.29 9.68
C MET B 306 -9.73 6.00 10.02
N ASN B 307 -8.84 5.86 9.03
CA ASN B 307 -7.42 5.48 9.22
C ASN B 307 -6.73 6.49 10.12
N VAL B 308 -7.05 7.78 9.99
CA VAL B 308 -6.36 8.84 10.81
C VAL B 308 -6.87 8.76 12.26
N ARG B 309 -8.18 8.60 12.51
CA ARG B 309 -8.70 8.51 13.92
C ARG B 309 -8.47 7.12 14.51
N PHE B 310 -8.23 6.08 13.70
CA PHE B 310 -8.10 4.68 14.17
C PHE B 310 -7.02 3.97 13.38
N PRO B 311 -5.76 4.42 13.51
CA PRO B 311 -4.66 3.91 12.70
C PRO B 311 -4.47 2.40 12.83
N HIS B 312 -4.96 1.82 13.91
CA HIS B 312 -4.70 0.40 14.26
C HIS B 312 -5.78 -0.50 13.65
N TRP B 313 -6.88 0.04 13.12
CA TRP B 313 -8.06 -0.79 12.74
C TRP B 313 -7.76 -1.65 11.52
N PHE B 314 -7.28 -1.03 10.44
CA PHE B 314 -7.00 -1.67 9.13
C PHE B 314 -5.48 -1.80 8.98
N CYS B 315 -5.03 -2.51 7.93
CA CYS B 315 -3.59 -2.82 7.71
C CYS B 315 -2.90 -1.53 7.25
N GLY B 316 -1.57 -1.50 7.28
CA GLY B 316 -0.79 -0.35 6.80
C GLY B 316 -1.24 0.04 5.41
N ASN B 317 -1.36 -0.94 4.51
CA ASN B 317 -1.64 -0.72 3.06
C ASN B 317 -2.86 0.17 2.91
N TYR B 318 -3.92 -0.05 3.71
CA TYR B 318 -5.23 0.64 3.54
C TYR B 318 -5.06 2.15 3.68
N LYS B 319 -4.04 2.62 4.42
CA LYS B 319 -3.77 4.06 4.66
C LYS B 319 -3.40 4.76 3.36
N GLN B 320 -3.04 4.02 2.31
CA GLN B 320 -2.74 4.59 0.96
C GLN B 320 -4.01 5.07 0.24
N PHE B 321 -5.21 4.71 0.74
CA PHE B 321 -6.47 5.10 0.08
C PHE B 321 -7.11 6.32 0.75
N ASN B 322 -6.46 6.90 1.74
CA ASN B 322 -6.88 8.19 2.35
C ASN B 322 -7.07 9.24 1.27
N ASP B 323 -8.25 9.84 1.17
CA ASP B 323 -8.60 10.83 0.12
C ASP B 323 -8.43 10.24 -1.28
N ARG B 324 -8.49 8.91 -1.46
CA ARG B 324 -8.19 8.26 -2.76
C ARG B 324 -9.12 7.08 -3.02
N GLU B 325 -10.39 7.23 -2.66
CA GLU B 325 -11.45 6.20 -2.87
C GLU B 325 -11.58 5.90 -4.37
N LYS B 326 -11.50 6.91 -5.25
CA LYS B 326 -11.37 6.68 -6.72
C LYS B 326 -10.45 5.49 -7.03
N TYR B 327 -9.36 5.29 -6.28
CA TYR B 327 -8.27 4.35 -6.65
C TYR B 327 -8.31 3.05 -5.85
N LEU B 328 -9.36 2.79 -5.08
CA LEU B 328 -9.50 1.45 -4.44
C LEU B 328 -9.64 0.42 -5.56
N PRO B 329 -8.92 -0.71 -5.51
CA PRO B 329 -9.11 -1.77 -6.50
C PRO B 329 -10.34 -2.63 -6.18
N PHE B 330 -11.22 -2.11 -5.34
CA PHE B 330 -12.50 -2.72 -4.92
C PHE B 330 -13.40 -1.61 -4.34
N ASP B 331 -14.67 -1.92 -4.07
CA ASP B 331 -15.47 -1.19 -3.06
C ASP B 331 -16.24 -2.21 -2.22
N GLN B 332 -17.03 -1.75 -1.26
CA GLN B 332 -17.63 -2.59 -0.18
C GLN B 332 -18.73 -3.49 -0.74
N HIS B 333 -19.24 -3.25 -1.95
CA HIS B 333 -20.22 -4.18 -2.59
C HIS B 333 -19.53 -5.51 -2.91
N GLU B 334 -18.22 -5.47 -3.15
CA GLU B 334 -17.39 -6.68 -3.37
C GLU B 334 -17.18 -7.43 -2.04
N LEU B 335 -17.11 -6.72 -0.91
CA LEU B 335 -16.94 -7.38 0.39
C LEU B 335 -18.21 -8.19 0.69
N VAL B 336 -19.37 -7.56 0.50
CA VAL B 336 -20.71 -8.20 0.59
C VAL B 336 -20.78 -9.41 -0.35
N ALA B 337 -20.25 -9.29 -1.57
CA ALA B 337 -20.24 -10.36 -2.58
C ALA B 337 -19.47 -11.59 -2.06
N LEU B 338 -18.50 -11.39 -1.18
CA LEU B 338 -17.75 -12.52 -0.58
C LEU B 338 -18.65 -13.34 0.33
N ILE B 339 -19.78 -12.81 0.80
CA ILE B 339 -20.73 -13.59 1.66
C ILE B 339 -21.51 -14.56 0.77
N ALA B 340 -21.84 -14.17 -0.47
CA ALA B 340 -22.76 -14.88 -1.40
C ALA B 340 -22.28 -16.31 -1.61
N PRO B 341 -23.17 -17.34 -1.72
CA PRO B 341 -24.63 -17.16 -1.69
C PRO B 341 -25.24 -17.15 -0.29
N ARG B 342 -24.42 -17.14 0.76
CA ARG B 342 -24.92 -17.07 2.16
C ARG B 342 -25.62 -15.74 2.37
N PRO B 343 -26.75 -15.73 3.10
CA PRO B 343 -27.49 -14.50 3.35
C PRO B 343 -26.75 -13.50 4.28
N ILE B 344 -27.19 -12.23 4.25
CA ILE B 344 -26.65 -11.11 5.05
C ILE B 344 -27.74 -10.07 5.29
N TYR B 345 -27.83 -9.56 6.50
CA TYR B 345 -28.74 -8.44 6.86
C TYR B 345 -27.90 -7.19 7.14
N ILE B 346 -28.22 -6.13 6.42
CA ILE B 346 -27.64 -4.77 6.54
C ILE B 346 -28.68 -3.90 7.24
N ALA B 347 -28.42 -3.53 8.48
CA ALA B 347 -29.27 -2.63 9.27
C ALA B 347 -28.64 -1.24 9.30
N SER B 348 -29.36 -0.24 8.80
CA SER B 348 -29.06 1.21 9.03
C SER B 348 -30.04 1.80 10.06
N ALA B 349 -29.64 2.96 10.57
CA ALA B 349 -30.36 3.80 11.55
C ALA B 349 -30.49 5.20 10.95
N GLU B 350 -31.68 5.80 11.06
CA GLU B 350 -32.05 7.09 10.40
C GLU B 350 -31.15 8.24 10.88
N GLU B 351 -30.79 8.34 12.16
CA GLU B 351 -29.99 9.46 12.71
C GLU B 351 -28.47 9.28 12.43
N ASP B 352 -28.08 8.11 11.91
CA ASP B 352 -26.65 7.71 11.82
C ASP B 352 -26.11 8.17 10.45
N ASN B 353 -26.13 9.48 10.20
CA ASN B 353 -25.78 10.02 8.86
C ASN B 353 -24.31 9.72 8.55
N TRP B 354 -23.48 9.66 9.60
CA TRP B 354 -22.02 9.42 9.59
C TRP B 354 -21.69 8.13 8.83
N SER B 355 -22.54 7.12 9.01
CA SER B 355 -22.38 5.73 8.48
C SER B 355 -22.76 5.67 7.00
N ASP B 356 -23.46 6.68 6.49
CA ASP B 356 -23.98 6.72 5.11
C ASP B 356 -24.97 5.57 4.82
N GLN B 357 -26.22 5.74 5.27
CA GLN B 357 -27.31 4.74 5.23
C GLN B 357 -27.59 4.35 3.76
N LYS B 358 -27.70 5.30 2.85
CA LYS B 358 -27.93 4.98 1.43
C LYS B 358 -26.77 4.15 0.87
N GLY B 359 -25.53 4.47 1.21
CA GLY B 359 -24.36 3.73 0.71
C GLY B 359 -24.31 2.33 1.28
N GLU B 360 -24.88 2.12 2.47
CA GLU B 360 -24.99 0.80 3.12
C GLU B 360 -25.94 -0.06 2.27
N PHE B 361 -27.13 0.47 2.01
CA PHE B 361 -28.13 -0.18 1.12
C PHE B 361 -27.42 -0.53 -0.22
N LEU B 362 -26.65 0.42 -0.76
CA LEU B 362 -26.02 0.31 -2.10
C LEU B 362 -24.81 -0.64 -2.09
N GLY B 363 -24.19 -0.89 -0.94
CA GLY B 363 -23.26 -2.03 -0.79
C GLY B 363 -23.96 -3.36 -1.06
N GLY B 364 -25.18 -3.52 -0.53
CA GLY B 364 -26.06 -4.66 -0.81
C GLY B 364 -26.46 -4.70 -2.27
N LYS B 365 -27.14 -3.65 -2.74
CA LYS B 365 -27.58 -3.53 -4.15
C LYS B 365 -26.49 -4.06 -5.06
N GLY B 366 -25.23 -3.67 -4.81
CA GLY B 366 -24.11 -3.92 -5.73
C GLY B 366 -23.63 -5.35 -5.68
N ALA B 367 -24.08 -6.13 -4.70
CA ALA B 367 -23.71 -7.55 -4.58
C ALA B 367 -24.62 -8.41 -5.48
N GLU B 368 -25.85 -7.95 -5.74
CA GLU B 368 -26.95 -8.74 -6.33
C GLU B 368 -26.51 -9.48 -7.57
N PRO B 369 -25.61 -8.94 -8.44
CA PRO B 369 -25.15 -9.69 -9.61
C PRO B 369 -24.42 -11.02 -9.35
N VAL B 370 -23.90 -11.22 -8.13
CA VAL B 370 -23.15 -12.45 -7.74
C VAL B 370 -24.16 -13.45 -7.19
N TYR B 371 -25.09 -12.97 -6.36
CA TYR B 371 -26.20 -13.80 -5.82
C TYR B 371 -26.99 -14.34 -7.01
N ALA B 372 -27.11 -13.57 -8.10
CA ALA B 372 -27.87 -13.95 -9.31
C ALA B 372 -27.17 -15.12 -10.00
N LEU B 373 -25.84 -15.20 -9.91
CA LEU B 373 -25.10 -16.37 -10.45
C LEU B 373 -25.64 -17.66 -9.82
N TYR B 374 -26.15 -17.59 -8.59
CA TYR B 374 -26.72 -18.72 -7.83
C TYR B 374 -28.25 -18.71 -7.94
N GLY B 375 -28.80 -18.24 -9.06
CA GLY B 375 -30.25 -18.13 -9.29
C GLY B 375 -31.02 -17.55 -8.10
N LEU B 376 -30.43 -16.61 -7.36
CA LEU B 376 -31.07 -15.92 -6.21
C LEU B 376 -31.44 -14.50 -6.60
N GLY B 377 -32.51 -14.00 -5.99
CA GLY B 377 -32.99 -12.61 -6.16
C GLY B 377 -32.12 -11.63 -5.41
N GLY B 378 -32.49 -10.35 -5.48
CA GLY B 378 -31.79 -9.25 -4.82
C GLY B 378 -32.56 -8.78 -3.60
N ILE B 379 -32.43 -7.51 -3.25
CA ILE B 379 -33.00 -6.92 -2.00
C ILE B 379 -34.52 -6.82 -2.19
N GLY B 380 -34.97 -6.49 -3.42
CA GLY B 380 -36.38 -6.50 -3.87
C GLY B 380 -36.92 -5.13 -4.24
N CYS B 381 -36.09 -4.07 -4.11
CA CYS B 381 -36.43 -2.67 -4.50
C CYS B 381 -35.23 -2.03 -5.22
N GLU B 382 -35.50 -0.95 -5.95
CA GLU B 382 -34.50 -0.19 -6.73
C GLU B 382 -33.98 0.99 -5.90
N GLU B 383 -34.88 1.80 -5.37
CA GLU B 383 -34.58 2.99 -4.54
C GLU B 383 -34.42 2.54 -3.10
N MET B 384 -33.78 3.35 -2.26
CA MET B 384 -33.59 3.03 -0.82
C MET B 384 -34.94 3.10 -0.14
N PRO B 385 -35.37 2.04 0.58
CA PRO B 385 -36.70 2.03 1.21
C PRO B 385 -36.90 3.15 2.22
N PRO B 386 -38.17 3.54 2.53
CA PRO B 386 -38.42 4.55 3.53
C PRO B 386 -38.03 3.98 4.90
N VAL B 387 -38.12 4.81 5.95
CA VAL B 387 -37.73 4.42 7.33
C VAL B 387 -38.65 3.27 7.77
N ASP B 388 -38.14 2.35 8.59
CA ASP B 388 -38.92 1.25 9.23
C ASP B 388 -39.70 0.48 8.15
N THR B 389 -39.02 0.11 7.07
CA THR B 389 -39.60 -0.65 5.95
C THR B 389 -38.62 -1.76 5.55
N PRO B 390 -38.54 -2.87 6.32
CA PRO B 390 -37.59 -3.94 6.04
C PRO B 390 -37.89 -4.64 4.72
N TYR B 391 -36.85 -5.01 3.99
CA TYR B 391 -36.88 -5.94 2.85
C TYR B 391 -35.97 -7.10 3.21
N MET B 392 -36.49 -8.32 3.27
CA MET B 392 -35.73 -9.50 3.73
C MET B 392 -36.25 -10.79 3.05
N ASN B 393 -36.81 -10.69 1.84
CA ASN B 393 -37.34 -11.87 1.09
C ASN B 393 -36.35 -12.34 0.02
N GLY B 394 -35.22 -11.66 -0.14
CA GLY B 394 -34.05 -12.13 -0.91
C GLY B 394 -32.90 -12.52 0.02
N PRO B 395 -31.75 -12.97 -0.53
CA PRO B 395 -30.60 -13.37 0.28
C PRO B 395 -29.87 -12.16 0.90
N ILE B 396 -30.16 -10.95 0.45
CA ILE B 396 -29.66 -9.71 1.10
C ILE B 396 -30.86 -9.01 1.73
N ALA B 397 -30.82 -8.81 3.04
CA ALA B 397 -31.85 -8.03 3.77
C ALA B 397 -31.35 -6.61 4.03
N TYR B 398 -32.23 -5.61 3.91
CA TYR B 398 -31.95 -4.21 4.31
C TYR B 398 -33.10 -3.64 5.13
N HIS B 399 -32.79 -2.89 6.19
CA HIS B 399 -33.75 -1.97 6.83
C HIS B 399 -33.00 -0.72 7.28
N ASN B 400 -33.65 0.45 7.14
CA ASN B 400 -33.28 1.69 7.82
C ASN B 400 -34.31 2.00 8.92
N ARG B 401 -33.95 1.82 10.19
CA ARG B 401 -34.89 2.00 11.31
C ARG B 401 -34.75 3.41 11.92
N LYS B 402 -35.74 3.80 12.72
CA LYS B 402 -35.82 5.14 13.37
C LYS B 402 -34.83 5.13 14.56
N GLY B 403 -34.20 6.27 14.81
CA GLY B 403 -33.48 6.52 16.08
C GLY B 403 -31.97 6.49 15.88
N PRO B 404 -31.20 6.29 16.98
CA PRO B 404 -29.75 6.41 16.94
C PRO B 404 -28.96 5.17 16.50
N HIS B 405 -27.70 5.42 16.12
CA HIS B 405 -26.59 4.45 15.96
C HIS B 405 -26.59 3.57 17.19
N ALA B 406 -26.96 2.29 17.03
CA ALA B 406 -27.18 1.30 18.10
C ALA B 406 -27.72 0.02 17.48
N VAL B 407 -27.76 -1.04 18.28
CA VAL B 407 -28.61 -2.24 18.09
C VAL B 407 -29.77 -2.15 19.09
N LEU B 408 -30.99 -2.04 18.57
CA LEU B 408 -32.22 -1.87 19.36
C LEU B 408 -33.07 -3.14 19.23
N PRO B 409 -34.07 -3.29 20.13
CA PRO B 409 -34.97 -4.45 20.08
C PRO B 409 -35.56 -4.64 18.68
N TYR B 410 -36.02 -3.55 18.06
CA TYR B 410 -36.63 -3.57 16.70
C TYR B 410 -35.71 -4.38 15.77
N ASP B 411 -34.40 -4.10 15.81
CA ASP B 411 -33.39 -4.69 14.89
C ASP B 411 -33.43 -6.21 15.03
N TRP B 412 -33.38 -6.66 16.28
CA TRP B 412 -33.42 -8.10 16.64
C TRP B 412 -34.72 -8.73 16.16
N GLU B 413 -35.86 -8.06 16.31
CA GLU B 413 -37.14 -8.54 15.74
C GLU B 413 -36.82 -9.00 14.31
N GLN B 414 -36.20 -8.12 13.50
CA GLN B 414 -36.00 -8.33 12.04
C GLN B 414 -34.90 -9.35 11.79
N PHE B 415 -33.82 -9.35 12.59
CA PHE B 415 -32.67 -10.29 12.46
C PHE B 415 -33.17 -11.73 12.64
N LEU B 416 -34.12 -11.92 13.55
CA LEU B 416 -34.67 -13.24 13.95
C LEU B 416 -35.71 -13.71 12.94
N ARG B 417 -36.56 -12.80 12.47
CA ARG B 417 -37.48 -13.07 11.31
C ARG B 417 -36.66 -13.54 10.11
N PHE B 418 -35.48 -12.97 9.89
CA PHE B 418 -34.59 -13.30 8.75
C PHE B 418 -33.98 -14.69 8.99
N ALA B 419 -33.38 -14.86 10.16
CA ALA B 419 -32.73 -16.12 10.56
C ALA B 419 -33.75 -17.28 10.41
N ASP B 420 -34.98 -17.09 10.88
CA ASP B 420 -36.08 -18.10 10.81
C ASP B 420 -36.17 -18.71 9.39
N LYS B 421 -36.04 -17.88 8.35
CA LYS B 421 -36.20 -18.30 6.94
C LYS B 421 -35.11 -19.30 6.53
N TYR B 422 -33.94 -19.28 7.18
CA TYR B 422 -32.78 -20.15 6.81
C TYR B 422 -32.54 -21.22 7.86
N PHE B 423 -33.10 -21.07 9.06
CA PHE B 423 -32.67 -21.84 10.25
C PHE B 423 -33.75 -22.84 10.70
N LYS B 424 -35.00 -22.67 10.29
CA LYS B 424 -36.11 -23.62 10.59
C LYS B 424 -36.13 -24.75 9.54
C1 EDO C . 13.51 21.92 -13.41
O1 EDO C . 14.39 22.21 -14.48
C2 EDO C . 14.21 21.74 -12.11
O2 EDO C . 13.32 21.63 -11.01
C1 EDO D . 17.85 19.34 -17.47
O1 EDO D . 17.47 18.84 -18.72
C2 EDO D . 18.35 18.31 -16.49
O2 EDO D . 18.75 18.83 -15.20
C1 EDO E . 10.83 18.93 -5.95
O1 EDO E . 10.89 19.89 -6.99
C2 EDO E . 11.92 17.92 -6.04
O2 EDO E . 11.70 16.79 -5.20
C1 GTR F . -18.02 3.26 13.78
C2 GTR F . -17.33 4.42 13.02
C3 GTR F . -16.36 5.18 13.99
C4 GTR F . -17.11 5.54 15.25
C5 GTR F . -17.67 4.33 15.87
C6 GTR F . -18.38 4.76 17.18
O1 GTR F . -19.06 2.59 12.99
O2 GTR F . -16.63 3.88 11.93
O3 GTR F . -15.89 6.41 13.43
O4 GTR F . -18.22 6.32 14.89
O5 GTR F . -18.64 3.77 14.96
O6A GTR F . -19.63 4.84 17.16
O6B GTR F . -17.64 4.99 18.16
C1 EDO G . -17.83 12.61 14.24
O1 EDO G . -19.00 11.90 14.00
C2 EDO G . -17.19 12.26 15.52
O2 EDO G . -16.00 13.02 15.70
#